data_3ORR
#
_entry.id   3ORR
#
_cell.length_a   66.112
_cell.length_b   53.327
_cell.length_c   107.406
_cell.angle_alpha   90.00
_cell.angle_beta   95.34
_cell.angle_gamma   90.00
#
_symmetry.space_group_name_H-M   'P 1 21 1'
#
loop_
_entity.id
_entity.type
_entity.pdbx_description
1 polymer 'N5-carboxyaminoimidazole ribonucleotide synthetase'
2 water water
#
_entity_poly.entity_id   1
_entity_poly.type   'polypeptide(L)'
_entity_poly.pdbx_seq_one_letter_code
;SNA(MSE)NFNKLKFGATIGIIGGGQLGK(MSE)(MSE)AQSAQK(MSE)GYKVVVLDPSEDCPCRYVAHEFIQAKYDDE
KALNQLGQKCDVITYEFENISAQQLKLLCEKYNIPQGYQAIQLLQDRLTEKETLKSAGTKVVPFISVKESTDIDKAIETL
GYPFIVKTRFGGYDGKGQVLINNEKDLQEGFKLIETSECVAEKYLNIKKEVSLTVTRGNNNQITFFPLQENEHRNQILFK
TIVPARIDKTAEAKEQVNKIIQSIHFIGTFTVEFFIDSNNQLYVNEIAPRPHNSGHYSIEACDYSQFDTHILAVTGQSLP
NSIELLKPAV(MSE)(MSE)NLLGKDLDLLENEFNEHPEWHLHIYGKSERKDSRK(MSE)GH(MSE)TVLTNDVNQTEQD
(MSE)YAKFEGSN
;
_entity_poly.pdbx_strand_id   A,B
#
# COMPACT_ATOMS: atom_id res chain seq x y z
N ASN A 2 -12.62 -22.13 16.97
CA ASN A 2 -12.24 -23.56 17.24
C ASN A 2 -10.72 -23.87 17.25
N ALA A 3 -10.01 -23.49 16.19
CA ALA A 3 -8.57 -23.82 16.09
C ALA A 3 -7.65 -22.74 16.66
N ASN A 5 -4.33 -23.31 16.73
CA ASN A 5 -3.26 -23.38 15.73
C ASN A 5 -3.80 -23.89 14.41
N PHE A 6 -3.43 -23.20 13.33
CA PHE A 6 -3.93 -23.48 12.00
C PHE A 6 -2.82 -23.29 10.96
N ASN A 7 -3.08 -23.71 9.72
CA ASN A 7 -2.07 -23.80 8.67
C ASN A 7 -1.30 -22.53 8.42
N LYS A 8 0.00 -22.70 8.40
CA LYS A 8 0.92 -21.63 8.08
C LYS A 8 1.08 -21.67 6.58
N LEU A 9 0.51 -20.68 5.90
CA LEU A 9 0.53 -20.67 4.44
C LEU A 9 1.62 -19.72 4.04
N LYS A 10 2.44 -20.11 3.06
CA LYS A 10 3.53 -19.24 2.57
C LYS A 10 3.13 -18.51 1.29
N PHE A 11 3.88 -17.47 0.91
CA PHE A 11 3.56 -16.77 -0.32
C PHE A 11 3.33 -17.77 -1.46
N GLY A 12 2.45 -17.40 -2.36
CA GLY A 12 2.03 -18.31 -3.42
C GLY A 12 0.68 -18.99 -3.19
N ALA A 13 0.25 -19.11 -1.93
CA ALA A 13 -1.03 -19.75 -1.66
C ALA A 13 -2.14 -18.74 -1.99
N THR A 14 -3.39 -19.23 -2.08
CA THR A 14 -4.50 -18.44 -2.49
C THR A 14 -5.41 -18.07 -1.32
N ILE A 15 -5.85 -16.81 -1.27
CA ILE A 15 -6.74 -16.35 -0.22
C ILE A 15 -8.10 -16.06 -0.86
N GLY A 16 -9.16 -16.66 -0.35
CA GLY A 16 -10.49 -16.32 -0.76
C GLY A 16 -11.08 -15.24 0.11
N ILE A 17 -11.81 -14.32 -0.50
CA ILE A 17 -12.48 -13.28 0.25
C ILE A 17 -13.96 -13.28 -0.07
N ILE A 18 -14.77 -13.41 0.98
CA ILE A 18 -16.19 -13.34 0.79
C ILE A 18 -16.56 -11.88 0.94
N GLY A 19 -16.96 -11.27 -0.18
CA GLY A 19 -17.38 -9.87 -0.22
C GLY A 19 -16.31 -9.06 -0.95
N GLY A 20 -16.74 -8.12 -1.81
CA GLY A 20 -15.83 -7.38 -2.64
C GLY A 20 -15.95 -5.88 -2.50
N GLY A 21 -16.32 -5.42 -1.32
CA GLY A 21 -16.34 -4.00 -1.07
C GLY A 21 -14.96 -3.40 -0.82
N GLN A 22 -14.95 -2.15 -0.34
CA GLN A 22 -13.68 -1.48 -0.13
C GLN A 22 -12.80 -2.25 0.87
N LEU A 23 -13.40 -2.91 1.87
CA LEU A 23 -12.66 -3.65 2.88
C LEU A 23 -11.92 -4.85 2.26
N GLY A 24 -12.59 -5.58 1.37
CA GLY A 24 -11.93 -6.70 0.73
C GLY A 24 -10.88 -6.20 -0.23
N LYS A 25 -11.15 -5.05 -0.85
CA LYS A 25 -10.20 -4.43 -1.79
C LYS A 25 -8.88 -4.23 -1.09
N ALA A 28 -7.05 -7.39 -0.22
CA ALA A 28 -6.48 -8.01 -1.39
C ALA A 28 -5.21 -7.32 -1.83
N GLN A 29 -5.18 -5.99 -1.71
CA GLN A 29 -3.93 -5.27 -2.06
C GLN A 29 -2.79 -5.62 -1.07
N SER A 30 -3.12 -5.73 0.23
CA SER A 30 -2.10 -6.20 1.17
C SER A 30 -1.64 -7.59 0.74
N ALA A 31 -2.60 -8.47 0.53
CA ALA A 31 -2.31 -9.83 0.09
C ALA A 31 -1.38 -9.86 -1.15
N GLN A 32 -1.69 -9.12 -2.21
CA GLN A 32 -0.87 -9.26 -3.47
C GLN A 32 0.50 -8.64 -3.24
N LYS A 33 0.58 -7.55 -2.50
CA LYS A 33 1.87 -7.03 -2.04
C LYS A 33 2.74 -8.14 -1.41
N GLY A 35 2.63 -11.31 -1.93
CA GLY A 35 2.78 -12.49 -2.77
C GLY A 35 1.67 -13.54 -2.60
N TYR A 36 0.50 -13.15 -2.05
CA TYR A 36 -0.64 -14.11 -2.02
C TYR A 36 -1.60 -13.88 -3.17
N LYS A 37 -2.12 -14.95 -3.74
CA LYS A 37 -3.19 -14.87 -4.72
C LYS A 37 -4.54 -14.63 -4.07
N VAL A 38 -5.40 -13.93 -4.79
CA VAL A 38 -6.69 -13.51 -4.25
C VAL A 38 -7.84 -13.93 -5.16
N VAL A 39 -8.80 -14.68 -4.59
CA VAL A 39 -10.09 -14.94 -5.23
C VAL A 39 -11.18 -14.21 -4.41
N VAL A 40 -12.00 -13.44 -5.09
CA VAL A 40 -13.03 -12.67 -4.37
C VAL A 40 -14.41 -13.03 -4.91
N LEU A 41 -15.38 -13.18 -4.00
CA LEU A 41 -16.75 -13.51 -4.36
C LEU A 41 -17.68 -12.35 -3.99
N ASP A 42 -18.54 -11.94 -4.91
CA ASP A 42 -19.45 -10.80 -4.69
C ASP A 42 -20.48 -10.83 -5.80
N PRO A 43 -21.77 -10.57 -5.46
CA PRO A 43 -22.82 -10.54 -6.49
C PRO A 43 -22.62 -9.43 -7.52
N SER A 44 -21.98 -8.33 -7.14
CA SER A 44 -21.85 -7.21 -8.06
C SER A 44 -20.58 -7.24 -8.94
N GLU A 45 -20.81 -7.26 -10.24
CA GLU A 45 -19.76 -7.13 -11.25
C GLU A 45 -18.92 -5.86 -11.09
N ASP A 46 -19.45 -4.87 -10.38
CA ASP A 46 -18.79 -3.56 -10.22
C ASP A 46 -18.11 -3.42 -8.84
N CYS A 47 -18.02 -4.51 -8.08
CA CYS A 47 -17.43 -4.41 -6.74
C CYS A 47 -16.00 -3.85 -6.88
N PRO A 48 -15.58 -3.02 -5.93
CA PRO A 48 -14.31 -2.35 -5.91
C PRO A 48 -13.13 -3.32 -5.79
N CYS A 49 -13.38 -4.54 -5.35
CA CYS A 49 -12.28 -5.50 -5.16
C CYS A 49 -11.91 -6.27 -6.44
N ARG A 50 -12.76 -6.18 -7.44
CA ARG A 50 -12.71 -7.11 -8.55
C ARG A 50 -11.40 -7.10 -9.33
N TYR A 51 -10.84 -5.92 -9.59
CA TYR A 51 -9.55 -5.89 -10.34
C TYR A 51 -8.28 -5.75 -9.46
N VAL A 52 -8.38 -6.17 -8.22
CA VAL A 52 -7.19 -6.54 -7.43
C VAL A 52 -7.29 -7.99 -6.96
N ALA A 53 -7.96 -8.82 -7.75
CA ALA A 53 -8.11 -10.23 -7.46
C ALA A 53 -7.63 -11.04 -8.66
N HIS A 54 -6.98 -12.19 -8.41
CA HIS A 54 -6.55 -13.03 -9.53
C HIS A 54 -7.75 -13.62 -10.18
N GLU A 55 -8.84 -13.71 -9.41
CA GLU A 55 -10.05 -14.33 -9.92
C GLU A 55 -11.30 -13.84 -9.19
N PHE A 56 -12.39 -13.67 -9.93
CA PHE A 56 -13.59 -13.05 -9.41
C PHE A 56 -14.71 -14.02 -9.64
N ILE A 57 -15.41 -14.37 -8.56
CA ILE A 57 -16.59 -15.25 -8.68
C ILE A 57 -17.80 -14.39 -8.41
N GLN A 58 -18.62 -14.21 -9.45
CA GLN A 58 -19.84 -13.46 -9.33
C GLN A 58 -20.97 -14.35 -8.80
N ALA A 59 -21.35 -14.14 -7.54
CA ALA A 59 -22.48 -14.87 -6.92
C ALA A 59 -22.95 -14.17 -5.66
N LYS A 60 -24.19 -14.44 -5.28
CA LYS A 60 -24.78 -13.95 -4.04
C LYS A 60 -24.19 -14.67 -2.83
N TYR A 61 -24.28 -14.04 -1.66
CA TYR A 61 -23.75 -14.69 -0.46
C TYR A 61 -24.54 -15.90 0.05
N ASP A 62 -25.70 -16.15 -0.54
CA ASP A 62 -26.53 -17.27 -0.13
C ASP A 62 -26.26 -18.49 -1.01
N ASP A 63 -25.43 -18.29 -2.03
CA ASP A 63 -25.22 -19.31 -3.04
C ASP A 63 -24.18 -20.38 -2.58
N GLU A 64 -24.69 -21.54 -2.16
CA GLU A 64 -23.85 -22.61 -1.57
C GLU A 64 -22.80 -23.15 -2.53
N LYS A 65 -23.20 -23.40 -3.77
CA LYS A 65 -22.31 -23.92 -4.83
C LYS A 65 -21.13 -22.98 -5.07
N ALA A 66 -21.41 -21.69 -5.23
CA ALA A 66 -20.36 -20.70 -5.49
C ALA A 66 -19.39 -20.61 -4.30
N LEU A 67 -19.93 -20.62 -3.09
CA LEU A 67 -19.10 -20.55 -1.89
C LEU A 67 -18.24 -21.81 -1.87
N ASN A 68 -18.81 -22.94 -2.28
CA ASN A 68 -17.98 -24.13 -2.36
C ASN A 68 -16.88 -24.10 -3.44
N GLN A 69 -17.19 -23.51 -4.60
CA GLN A 69 -16.16 -23.23 -5.60
C GLN A 69 -15.03 -22.37 -5.05
N LEU A 70 -15.39 -21.34 -4.28
CA LEU A 70 -14.40 -20.51 -3.64
C LEU A 70 -13.60 -21.32 -2.61
N GLY A 71 -14.22 -22.31 -2.00
CA GLY A 71 -13.49 -23.19 -1.08
C GLY A 71 -12.45 -23.98 -1.86
N GLN A 72 -12.91 -24.62 -2.96
CA GLN A 72 -12.04 -25.42 -3.81
C GLN A 72 -10.82 -24.67 -4.31
N LYS A 73 -10.93 -23.35 -4.36
CA LYS A 73 -9.88 -22.58 -5.01
C LYS A 73 -8.86 -21.97 -4.08
N CYS A 74 -9.10 -22.06 -2.77
CA CYS A 74 -8.35 -21.28 -1.83
C CYS A 74 -7.72 -22.15 -0.77
N ASP A 75 -6.63 -21.66 -0.18
CA ASP A 75 -5.97 -22.34 0.92
C ASP A 75 -6.46 -21.70 2.24
N VAL A 76 -7.06 -20.53 2.14
CA VAL A 76 -7.71 -19.93 3.32
C VAL A 76 -8.85 -19.02 2.85
N ILE A 77 -9.88 -18.89 3.68
CA ILE A 77 -10.99 -18.01 3.35
C ILE A 77 -11.23 -17.06 4.49
N THR A 78 -11.45 -15.80 4.17
CA THR A 78 -11.83 -14.79 5.17
C THR A 78 -13.02 -14.03 4.61
N TYR A 79 -13.60 -13.10 5.39
CA TYR A 79 -14.79 -12.35 4.99
C TYR A 79 -14.65 -10.87 5.32
N GLU A 80 -15.23 -10.00 4.48
CA GLU A 80 -14.97 -8.56 4.66
C GLU A 80 -16.18 -7.80 5.16
N PHE A 81 -17.34 -8.44 5.11
CA PHE A 81 -18.50 -7.85 5.70
C PHE A 81 -19.43 -8.91 6.29
N GLU A 82 -20.31 -8.51 7.21
CA GLU A 82 -21.38 -9.38 7.74
C GLU A 82 -22.40 -9.72 6.66
N ASN A 83 -21.90 -10.30 5.57
CA ASN A 83 -22.76 -10.61 4.46
C ASN A 83 -23.39 -12.01 4.62
N ILE A 84 -22.54 -13.03 4.50
CA ILE A 84 -22.93 -14.45 4.52
C ILE A 84 -23.77 -14.83 5.74
N SER A 85 -24.65 -15.80 5.53
CA SER A 85 -25.37 -16.41 6.63
C SER A 85 -24.39 -17.23 7.49
N ALA A 86 -24.66 -17.24 8.79
CA ALA A 86 -23.87 -18.01 9.75
C ALA A 86 -24.01 -19.51 9.48
N GLN A 87 -25.18 -19.93 8.97
CA GLN A 87 -25.35 -21.33 8.64
C GLN A 87 -24.46 -21.72 7.44
N GLN A 88 -24.41 -20.86 6.40
CA GLN A 88 -23.56 -21.14 5.23
C GLN A 88 -22.07 -21.08 5.65
N LEU A 89 -21.73 -20.08 6.46
CA LEU A 89 -20.38 -19.99 6.99
C LEU A 89 -20.05 -21.28 7.77
N LYS A 90 -20.99 -21.75 8.61
CA LYS A 90 -20.69 -22.91 9.44
C LYS A 90 -20.31 -24.09 8.54
N LEU A 91 -21.18 -24.39 7.57
CA LEU A 91 -20.90 -25.43 6.58
C LEU A 91 -19.52 -25.29 5.93
N LEU A 92 -19.16 -24.05 5.61
CA LEU A 92 -17.90 -23.75 4.94
C LEU A 92 -16.69 -24.00 5.83
N CYS A 93 -16.80 -23.59 7.11
CA CYS A 93 -15.70 -23.84 8.06
C CYS A 93 -15.46 -25.33 8.23
N GLU A 94 -16.51 -26.12 8.07
CA GLU A 94 -16.36 -27.53 8.32
C GLU A 94 -15.57 -28.16 7.19
N LYS A 95 -15.59 -27.54 5.99
CA LYS A 95 -14.94 -28.17 4.82
C LYS A 95 -13.63 -27.51 4.46
N TYR A 96 -13.50 -26.21 4.70
CA TYR A 96 -12.28 -25.50 4.33
C TYR A 96 -11.62 -24.76 5.48
N ASN A 97 -10.50 -24.10 5.18
CA ASN A 97 -9.65 -23.51 6.18
C ASN A 97 -10.11 -22.06 6.41
N ILE A 98 -10.84 -21.85 7.49
CA ILE A 98 -11.37 -20.54 7.84
C ILE A 98 -11.09 -20.31 9.31
N PRO A 99 -9.87 -19.90 9.61
CA PRO A 99 -9.46 -19.73 10.98
C PRO A 99 -10.37 -18.75 11.74
N GLN A 100 -11.00 -17.81 11.04
CA GLN A 100 -11.98 -16.93 11.70
C GLN A 100 -13.19 -17.68 12.31
N GLY A 101 -13.48 -18.85 11.74
CA GLY A 101 -14.59 -19.67 12.22
C GLY A 101 -15.89 -18.94 11.92
N TYR A 102 -16.98 -19.51 12.43
CA TYR A 102 -18.32 -18.98 12.23
C TYR A 102 -18.94 -18.42 13.55
N GLN A 103 -18.26 -18.63 14.66
CA GLN A 103 -18.89 -18.38 15.94
C GLN A 103 -19.20 -16.90 16.14
N ALA A 104 -18.24 -16.04 15.79
CA ALA A 104 -18.40 -14.59 15.92
C ALA A 104 -19.50 -14.06 15.04
N ILE A 105 -19.52 -14.46 13.78
CA ILE A 105 -20.60 -14.03 12.90
C ILE A 105 -21.95 -14.51 13.47
N GLN A 106 -22.03 -15.78 13.87
CA GLN A 106 -23.30 -16.25 14.41
C GLN A 106 -23.76 -15.38 15.60
N LEU A 107 -22.86 -15.17 16.55
CA LEU A 107 -23.20 -14.46 17.77
C LEU A 107 -23.54 -13.04 17.49
N LEU A 108 -22.75 -12.40 16.64
CA LEU A 108 -22.96 -10.96 16.38
C LEU A 108 -24.20 -10.60 15.56
N GLN A 109 -24.85 -11.58 14.95
CA GLN A 109 -26.15 -11.39 14.29
C GLN A 109 -27.33 -11.26 15.27
N ASP A 110 -27.09 -11.58 16.54
CA ASP A 110 -28.13 -11.75 17.55
C ASP A 110 -27.88 -10.83 18.74
N ARG A 111 -28.49 -9.65 18.69
CA ARG A 111 -28.24 -8.58 19.64
C ARG A 111 -28.49 -9.05 21.07
N LEU A 112 -29.57 -9.79 21.27
CA LEU A 112 -29.90 -10.29 22.59
C LEU A 112 -28.75 -11.16 23.13
N THR A 113 -28.42 -12.22 22.40
CA THR A 113 -27.42 -13.20 22.84
C THR A 113 -26.02 -12.60 22.94
N GLU A 114 -25.68 -11.73 21.98
CA GLU A 114 -24.45 -10.93 22.07
C GLU A 114 -24.37 -10.22 23.42
N LYS A 115 -25.35 -9.36 23.70
CA LYS A 115 -25.37 -8.62 24.97
C LYS A 115 -25.20 -9.55 26.17
N GLU A 116 -25.90 -10.69 26.18
CA GLU A 116 -25.84 -11.66 27.29
C GLU A 116 -24.48 -12.38 27.40
N THR A 117 -23.88 -12.72 26.27
CA THR A 117 -22.58 -13.37 26.34
C THR A 117 -21.50 -12.37 26.76
N LEU A 118 -21.58 -11.13 26.26
CA LEU A 118 -20.71 -10.06 26.75
C LEU A 118 -20.90 -9.80 28.26
N LYS A 119 -22.15 -9.83 28.74
CA LYS A 119 -22.39 -9.63 30.16
C LYS A 119 -21.79 -10.78 30.91
N SER A 120 -22.08 -12.01 30.45
CA SER A 120 -21.52 -13.25 31.05
C SER A 120 -19.99 -13.25 30.98
N ALA A 121 -19.44 -12.54 30.00
CA ALA A 121 -17.98 -12.39 29.90
C ALA A 121 -17.42 -11.57 31.07
N GLY A 122 -18.26 -10.78 31.72
CA GLY A 122 -17.79 -9.83 32.74
C GLY A 122 -17.35 -8.51 32.12
N THR A 123 -17.80 -8.25 30.88
CA THR A 123 -17.51 -6.98 30.22
C THR A 123 -18.56 -5.94 30.57
N LYS A 124 -18.21 -4.67 30.54
CA LYS A 124 -19.15 -3.60 30.88
C LYS A 124 -20.07 -3.20 29.71
N VAL A 125 -21.22 -3.86 29.58
CA VAL A 125 -22.16 -3.55 28.50
C VAL A 125 -23.13 -2.49 28.98
N VAL A 126 -23.81 -1.83 28.05
CA VAL A 126 -24.88 -0.91 28.40
C VAL A 126 -26.06 -1.75 28.90
N PRO A 127 -26.66 -1.34 30.02
CA PRO A 127 -27.78 -2.14 30.54
C PRO A 127 -28.87 -2.35 29.50
N PHE A 128 -29.53 -3.50 29.55
CA PHE A 128 -30.37 -3.96 28.43
C PHE A 128 -31.44 -4.97 28.88
N ILE A 129 -32.52 -5.04 28.09
CA ILE A 129 -33.63 -5.96 28.34
C ILE A 129 -34.22 -6.45 27.02
N SER A 130 -34.67 -7.70 26.99
CA SER A 130 -35.42 -8.23 25.86
C SER A 130 -36.82 -7.66 25.76
N VAL A 131 -37.16 -7.05 24.63
CA VAL A 131 -38.54 -6.63 24.40
C VAL A 131 -39.23 -7.52 23.36
N LYS A 132 -39.76 -8.66 23.80
CA LYS A 132 -40.40 -9.62 22.92
C LYS A 132 -41.83 -9.20 22.60
N GLU A 133 -42.58 -8.83 23.64
CA GLU A 133 -43.99 -8.53 23.49
C GLU A 133 -44.35 -7.12 24.00
N SER A 134 -45.53 -6.65 23.65
CA SER A 134 -46.02 -5.34 24.07
C SER A 134 -45.78 -5.11 25.56
N THR A 135 -46.01 -6.16 26.35
CA THR A 135 -45.94 -6.09 27.80
C THR A 135 -44.53 -5.80 28.36
N ASP A 136 -43.50 -6.22 27.61
CA ASP A 136 -42.11 -6.08 28.05
C ASP A 136 -41.64 -4.62 28.07
N ILE A 137 -42.26 -3.80 27.24
CA ILE A 137 -42.01 -2.36 27.24
C ILE A 137 -42.21 -1.76 28.64
N ASP A 138 -43.20 -2.28 29.37
CA ASP A 138 -43.46 -1.88 30.77
C ASP A 138 -42.24 -2.17 31.65
N LYS A 139 -41.72 -3.39 31.55
CA LYS A 139 -40.47 -3.75 32.21
C LYS A 139 -39.37 -2.72 31.90
N ALA A 140 -39.23 -2.39 30.62
CA ALA A 140 -38.11 -1.56 30.15
C ALA A 140 -38.07 -0.18 30.80
N ILE A 141 -39.18 0.58 30.72
CA ILE A 141 -39.31 1.88 31.40
C ILE A 141 -38.89 1.70 32.86
N GLU A 142 -39.42 0.64 33.50
CA GLU A 142 -39.15 0.32 34.89
C GLU A 142 -37.66 0.05 35.16
N THR A 143 -36.97 -0.59 34.22
CA THR A 143 -35.58 -0.99 34.45
C THR A 143 -34.56 0.01 33.88
N LEU A 144 -34.83 0.55 32.69
CA LEU A 144 -33.79 1.23 31.93
C LEU A 144 -33.92 2.73 31.81
N GLY A 145 -34.82 3.17 30.92
CA GLY A 145 -34.98 4.58 30.57
C GLY A 145 -35.76 5.26 31.66
N TYR A 146 -36.07 6.54 31.48
CA TYR A 146 -35.80 7.29 30.26
C TYR A 146 -34.45 8.03 30.34
N PRO A 147 -33.80 8.27 29.17
CA PRO A 147 -34.17 7.69 27.87
C PRO A 147 -33.60 6.28 27.67
N PHE A 148 -34.31 5.45 26.91
CA PHE A 148 -33.81 4.15 26.44
C PHE A 148 -34.13 3.96 24.95
N ILE A 149 -33.27 3.21 24.25
CA ILE A 149 -33.46 2.91 22.83
C ILE A 149 -33.83 1.42 22.57
N VAL A 150 -34.87 1.18 21.78
CA VAL A 150 -35.23 -0.18 21.39
C VAL A 150 -34.70 -0.44 19.98
N LYS A 151 -33.92 -1.51 19.83
CA LYS A 151 -33.41 -1.99 18.53
C LYS A 151 -33.98 -3.38 18.19
N THR A 152 -34.11 -3.69 16.90
CA THR A 152 -34.49 -5.04 16.47
C THR A 152 -33.41 -6.03 16.94
N ARG A 153 -33.86 -7.20 17.41
CA ARG A 153 -32.96 -8.28 17.87
C ARG A 153 -32.15 -8.96 16.77
N PHE A 154 -32.78 -9.13 15.62
CA PHE A 154 -32.17 -9.83 14.49
C PHE A 154 -31.88 -8.91 13.29
N GLY A 155 -30.71 -9.10 12.66
CA GLY A 155 -30.29 -8.34 11.48
C GLY A 155 -30.17 -6.85 11.72
N GLY A 161 -33.24 -0.76 12.30
CA GLY A 161 -34.37 -0.20 13.02
C GLY A 161 -34.13 0.15 14.49
N GLN A 162 -34.37 1.42 14.82
CA GLN A 162 -34.22 1.95 16.18
C GLN A 162 -35.26 3.05 16.45
N VAL A 163 -35.82 3.06 17.66
CA VAL A 163 -36.61 4.22 18.14
C VAL A 163 -36.01 4.74 19.46
N LEU A 164 -35.69 6.03 19.48
CA LEU A 164 -34.92 6.65 20.56
C LEU A 164 -35.60 6.65 21.93
N ILE A 165 -36.93 6.78 21.95
CA ILE A 165 -37.73 6.82 23.19
C ILE A 165 -37.24 7.76 24.31
N ASN A 166 -37.70 9.01 24.31
CA ASN A 166 -37.29 9.98 25.33
C ASN A 166 -38.30 10.13 26.46
N ASN A 167 -39.58 10.19 26.10
CA ASN A 167 -40.68 10.35 27.05
C ASN A 167 -41.80 9.40 26.67
N GLU A 168 -42.96 9.57 27.30
CA GLU A 168 -44.19 8.92 26.85
C GLU A 168 -44.58 9.29 25.41
N LYS A 169 -44.21 10.50 24.98
CA LYS A 169 -44.52 10.99 23.65
C LYS A 169 -43.94 10.10 22.54
N ASP A 170 -43.01 9.21 22.91
CA ASP A 170 -42.36 8.33 21.96
C ASP A 170 -42.82 6.87 22.07
N LEU A 171 -43.59 6.58 23.13
CA LEU A 171 -44.04 5.22 23.45
C LEU A 171 -44.89 4.56 22.36
N GLN A 172 -45.80 5.34 21.77
CA GLN A 172 -46.67 4.80 20.73
C GLN A 172 -45.84 4.31 19.53
N GLU A 173 -44.86 5.12 19.12
CA GLU A 173 -43.97 4.74 18.01
C GLU A 173 -43.21 3.43 18.28
N GLY A 174 -42.87 3.21 19.55
CA GLY A 174 -42.16 2.00 19.98
C GLY A 174 -43.00 0.74 19.96
N PHE A 175 -44.25 0.85 20.43
CA PHE A 175 -45.23 -0.23 20.32
C PHE A 175 -45.26 -0.79 18.91
N LYS A 176 -45.11 0.11 17.93
CA LYS A 176 -45.18 -0.23 16.51
C LYS A 176 -44.09 -1.18 16.03
N LEU A 177 -42.86 -1.00 16.54
CA LEU A 177 -41.71 -1.82 16.14
C LEU A 177 -41.69 -3.24 16.74
N ILE A 178 -42.08 -3.37 18.01
CA ILE A 178 -42.22 -4.68 18.67
C ILE A 178 -43.29 -5.57 18.03
N GLU A 179 -44.26 -4.93 17.37
CA GLU A 179 -45.29 -5.62 16.60
C GLU A 179 -44.71 -6.37 15.41
N THR A 180 -43.92 -5.67 14.60
CA THR A 180 -43.30 -6.28 13.41
C THR A 180 -42.29 -7.38 13.79
N SER A 181 -41.23 -7.00 14.49
CA SER A 181 -40.12 -7.92 14.79
C SER A 181 -39.65 -7.82 16.26
N GLU A 182 -39.09 -8.91 16.79
CA GLU A 182 -38.55 -8.92 18.16
C GLU A 182 -37.48 -7.82 18.37
N CYS A 183 -37.41 -7.31 19.61
CA CYS A 183 -36.54 -6.18 19.94
C CYS A 183 -35.69 -6.34 21.22
N VAL A 184 -34.75 -5.43 21.40
CA VAL A 184 -33.92 -5.33 22.60
C VAL A 184 -33.83 -3.85 22.97
N ALA A 185 -33.94 -3.55 24.25
CA ALA A 185 -33.88 -2.16 24.74
C ALA A 185 -32.63 -1.94 25.58
N GLU A 186 -32.03 -0.77 25.41
CA GLU A 186 -30.81 -0.39 26.09
C GLU A 186 -30.97 1.00 26.68
N LYS A 187 -30.22 1.31 27.74
CA LYS A 187 -30.15 2.65 28.25
C LYS A 187 -29.60 3.58 27.15
N TYR A 188 -30.12 4.80 27.05
CA TYR A 188 -29.58 5.80 26.12
C TYR A 188 -28.66 6.78 26.80
N LEU A 189 -27.37 6.52 26.65
CA LEU A 189 -26.30 7.25 27.33
C LEU A 189 -26.10 8.65 26.76
N ASN A 190 -25.98 9.64 27.65
CA ASN A 190 -25.36 10.90 27.28
C ASN A 190 -23.86 10.64 27.09
N ILE A 191 -23.49 10.43 25.83
CA ILE A 191 -22.13 10.01 25.50
C ILE A 191 -21.18 11.20 25.42
N LYS A 192 -20.29 11.30 26.39
CA LYS A 192 -19.16 12.24 26.34
C LYS A 192 -18.46 12.06 24.99
N LYS A 193 -17.75 10.93 24.83
CA LYS A 193 -16.98 10.63 23.63
C LYS A 193 -17.08 9.18 23.15
N GLU A 194 -16.48 8.90 22.01
CA GLU A 194 -16.57 7.57 21.42
C GLU A 194 -15.19 7.16 20.97
N VAL A 195 -14.76 5.95 21.36
CA VAL A 195 -13.49 5.41 20.91
C VAL A 195 -13.58 3.95 20.47
N SER A 196 -12.49 3.49 19.82
CA SER A 196 -12.43 2.13 19.32
C SER A 196 -11.02 1.54 19.39
N LEU A 197 -10.96 0.23 19.52
CA LEU A 197 -9.69 -0.48 19.54
C LEU A 197 -9.68 -1.53 18.42
N THR A 198 -8.74 -1.37 17.51
CA THR A 198 -8.57 -2.31 16.41
C THR A 198 -7.51 -3.28 16.88
N VAL A 199 -7.73 -4.56 16.62
CA VAL A 199 -6.95 -5.61 17.26
C VAL A 199 -6.75 -6.72 16.24
N THR A 200 -5.60 -7.39 16.32
CA THR A 200 -5.39 -8.53 15.43
C THR A 200 -4.93 -9.73 16.29
N ARG A 201 -5.58 -10.84 16.02
CA ARG A 201 -5.30 -12.03 16.78
C ARG A 201 -4.89 -13.13 15.79
N GLY A 202 -3.81 -13.83 16.11
CA GLY A 202 -3.19 -14.79 15.20
C GLY A 202 -2.99 -16.15 15.81
N ASN A 203 -2.12 -16.91 15.15
CA ASN A 203 -1.69 -18.21 15.59
C ASN A 203 -1.20 -18.28 17.01
N ASN A 204 -1.59 -19.38 17.66
CA ASN A 204 -1.08 -19.69 18.97
C ASN A 204 -1.29 -18.52 19.96
N ASN A 205 -2.49 -17.98 19.93
CA ASN A 205 -2.93 -16.96 20.90
C ASN A 205 -2.21 -15.59 20.85
N GLN A 206 -1.52 -15.33 19.76
CA GLN A 206 -0.90 -14.05 19.57
C GLN A 206 -1.93 -12.96 19.37
N ILE A 207 -1.72 -11.84 20.05
CA ILE A 207 -2.60 -10.70 19.87
C ILE A 207 -1.79 -9.39 19.81
N THR A 208 -2.19 -8.47 18.93
CA THR A 208 -1.55 -7.16 18.83
C THR A 208 -2.61 -6.07 18.75
N PHE A 209 -2.29 -4.94 19.37
CA PHE A 209 -3.20 -3.86 19.51
C PHE A 209 -2.83 -2.63 18.66
N PHE A 210 -3.78 -2.05 17.95
CA PHE A 210 -3.46 -0.77 17.27
C PHE A 210 -3.68 0.40 18.28
N PRO A 211 -3.23 1.62 17.91
CA PRO A 211 -3.47 2.79 18.77
C PRO A 211 -4.95 3.08 18.96
N LEU A 212 -5.34 3.35 20.21
CA LEU A 212 -6.72 3.66 20.49
C LEU A 212 -7.17 4.80 19.59
N GLN A 213 -8.33 4.63 18.98
CA GLN A 213 -8.82 5.61 18.01
C GLN A 213 -10.05 6.37 18.59
N GLU A 214 -10.18 7.65 18.25
CA GLU A 214 -11.30 8.48 18.69
C GLU A 214 -12.26 8.76 17.51
N ASN A 215 -13.50 8.33 17.63
CA ASN A 215 -14.43 8.37 16.53
C ASN A 215 -15.54 9.39 16.66
N GLU A 216 -15.74 10.19 15.62
CA GLU A 216 -16.95 11.01 15.55
C GLU A 216 -17.92 10.47 14.50
N HIS A 217 -19.22 10.45 14.87
CA HIS A 217 -20.27 10.00 13.94
C HIS A 217 -21.17 11.16 13.54
N ARG A 218 -21.68 11.14 12.32
CA ARG A 218 -22.65 12.13 11.86
C ARG A 218 -23.75 11.34 11.19
N ASN A 219 -24.96 11.51 11.69
CA ASN A 219 -26.06 10.77 11.10
C ASN A 219 -25.80 9.28 11.18
N GLN A 220 -25.21 8.83 12.28
CA GLN A 220 -24.97 7.39 12.53
C GLN A 220 -23.96 6.77 11.52
N ILE A 221 -23.23 7.62 10.82
CA ILE A 221 -22.18 7.16 9.93
C ILE A 221 -20.88 7.79 10.41
N LEU A 222 -19.82 6.98 10.37
CA LEU A 222 -18.51 7.42 10.84
C LEU A 222 -18.06 8.59 9.99
N PHE A 223 -17.65 9.66 10.65
CA PHE A 223 -17.36 10.95 10.01
C PHE A 223 -15.89 11.28 10.17
N LYS A 224 -15.35 11.10 11.38
CA LYS A 224 -13.96 11.47 11.70
C LYS A 224 -13.32 10.47 12.67
N THR A 225 -12.08 10.07 12.40
CA THR A 225 -11.27 9.31 13.35
C THR A 225 -9.96 10.04 13.63
N ILE A 226 -9.64 10.17 14.91
CA ILE A 226 -8.42 10.83 15.33
C ILE A 226 -7.50 9.89 16.13
N VAL A 227 -6.25 9.84 15.73
CA VAL A 227 -5.26 9.05 16.44
C VAL A 227 -4.10 9.99 16.74
N PRO A 228 -3.58 9.96 17.99
CA PRO A 228 -4.02 9.12 19.11
C PRO A 228 -5.29 9.63 19.79
N ALA A 229 -6.18 8.72 20.23
CA ALA A 229 -7.42 9.17 20.88
C ALA A 229 -7.07 10.16 22.00
N ARG A 230 -7.79 11.27 22.10
CA ARG A 230 -7.44 12.29 23.09
C ARG A 230 -7.98 11.99 24.51
N ILE A 231 -8.63 10.83 24.67
CA ILE A 231 -9.04 10.38 25.98
C ILE A 231 -8.32 9.09 26.32
N ASP A 232 -7.53 9.10 27.38
CA ASP A 232 -6.73 7.94 27.78
C ASP A 232 -7.60 6.79 28.32
N LYS A 233 -8.05 5.94 27.42
CA LYS A 233 -8.79 4.73 27.79
C LYS A 233 -8.14 3.45 27.25
N THR A 234 -6.85 3.52 26.89
CA THR A 234 -6.16 2.35 26.30
C THR A 234 -6.18 1.13 27.22
N ALA A 235 -5.85 1.38 28.48
CA ALA A 235 -5.75 0.34 29.49
C ALA A 235 -7.12 -0.32 29.67
N GLU A 236 -8.13 0.49 29.99
CA GLU A 236 -9.47 -0.05 30.16
C GLU A 236 -10.02 -0.74 28.88
N ALA A 237 -9.75 -0.16 27.71
CA ALA A 237 -10.19 -0.80 26.47
C ALA A 237 -9.53 -2.17 26.30
N LYS A 238 -8.26 -2.28 26.66
CA LYS A 238 -7.60 -3.56 26.45
C LYS A 238 -8.19 -4.61 27.41
N GLU A 239 -8.49 -4.18 28.65
CA GLU A 239 -9.03 -5.10 29.64
C GLU A 239 -10.36 -5.65 29.19
N GLN A 240 -11.20 -4.77 28.65
CA GLN A 240 -12.49 -5.18 28.16
C GLN A 240 -12.32 -6.10 26.94
N VAL A 241 -11.34 -5.80 26.07
CA VAL A 241 -11.09 -6.64 24.88
C VAL A 241 -10.67 -8.04 25.31
N ASN A 242 -9.83 -8.11 26.35
CA ASN A 242 -9.33 -9.38 26.88
C ASN A 242 -10.39 -10.26 27.54
N LYS A 243 -11.37 -9.65 28.19
CA LYS A 243 -12.52 -10.40 28.67
C LYS A 243 -13.35 -10.85 27.45
N ILE A 244 -13.40 -9.99 26.45
CA ILE A 244 -14.15 -10.36 25.25
C ILE A 244 -13.57 -11.62 24.59
N ILE A 245 -12.26 -11.72 24.47
CA ILE A 245 -11.68 -12.82 23.65
C ILE A 245 -11.84 -14.21 24.31
N GLN A 246 -12.13 -14.22 25.59
CA GLN A 246 -12.39 -15.49 26.30
C GLN A 246 -13.75 -16.05 25.91
N SER A 247 -14.66 -15.18 25.48
CA SER A 247 -16.00 -15.60 25.15
C SER A 247 -16.23 -15.76 23.65
N ILE A 248 -15.49 -15.00 22.83
CA ILE A 248 -15.71 -15.00 21.39
C ILE A 248 -14.38 -15.24 20.69
N HIS A 249 -14.39 -16.14 19.72
CA HIS A 249 -13.17 -16.49 19.01
C HIS A 249 -12.93 -15.49 17.86
N PHE A 250 -11.80 -14.80 17.89
CA PHE A 250 -11.32 -14.03 16.69
C PHE A 250 -9.95 -14.47 16.23
N ILE A 251 -9.80 -14.64 14.95
CA ILE A 251 -8.45 -14.50 14.37
C ILE A 251 -8.47 -13.49 13.21
N GLY A 252 -7.34 -12.85 12.94
CA GLY A 252 -7.35 -11.76 11.97
C GLY A 252 -7.74 -10.49 12.73
N THR A 253 -8.12 -9.45 11.99
CA THR A 253 -8.38 -8.18 12.60
C THR A 253 -9.83 -8.03 13.00
N PHE A 254 -10.03 -7.58 14.23
CA PHE A 254 -11.37 -7.21 14.68
C PHE A 254 -11.32 -5.89 15.37
N THR A 255 -12.49 -5.27 15.55
CA THR A 255 -12.54 -3.94 16.16
C THR A 255 -13.60 -3.94 17.24
N VAL A 256 -13.30 -3.27 18.36
CA VAL A 256 -14.27 -3.09 19.42
C VAL A 256 -14.56 -1.62 19.60
N GLU A 257 -15.83 -1.22 19.45
CA GLU A 257 -16.25 0.18 19.66
C GLU A 257 -16.77 0.42 21.07
N PHE A 258 -16.50 1.62 21.58
CA PHE A 258 -16.76 1.97 23.00
C PHE A 258 -17.49 3.28 23.12
N PHE A 259 -18.31 3.40 24.17
CA PHE A 259 -18.81 4.68 24.63
C PHE A 259 -18.06 5.10 25.86
N ILE A 260 -17.88 6.40 25.98
CA ILE A 260 -17.44 6.99 27.23
C ILE A 260 -18.56 7.95 27.68
N ASP A 261 -19.24 7.63 28.78
CA ASP A 261 -20.36 8.47 29.24
C ASP A 261 -19.90 9.77 29.93
N SER A 262 -20.88 10.55 30.40
CA SER A 262 -20.67 11.83 31.09
C SER A 262 -19.64 11.76 32.23
N ASN A 263 -19.65 10.64 32.93
CA ASN A 263 -18.80 10.37 34.09
C ASN A 263 -17.47 9.67 33.77
N ASN A 264 -17.04 9.78 32.51
CA ASN A 264 -15.80 9.16 32.05
C ASN A 264 -15.83 7.63 32.18
N GLN A 265 -17.02 7.05 32.20
CA GLN A 265 -17.19 5.61 32.34
C GLN A 265 -17.22 4.92 30.96
N LEU A 266 -16.44 3.85 30.80
CA LEU A 266 -16.26 3.10 29.54
C LEU A 266 -17.23 1.91 29.36
N TYR A 267 -17.94 1.88 28.24
CA TYR A 267 -18.90 0.81 27.94
C TYR A 267 -18.60 0.18 26.57
N VAL A 268 -18.60 -1.15 26.52
CA VAL A 268 -18.47 -1.82 25.24
C VAL A 268 -19.74 -1.50 24.50
N ASN A 269 -19.60 -1.11 23.22
CA ASN A 269 -20.74 -0.83 22.38
C ASN A 269 -21.00 -1.89 21.32
N GLU A 270 -20.06 -2.00 20.37
CA GLU A 270 -20.23 -2.93 19.25
C GLU A 270 -18.92 -3.54 18.86
N ILE A 271 -19.00 -4.77 18.34
CA ILE A 271 -17.85 -5.49 17.86
C ILE A 271 -17.97 -5.78 16.38
N ALA A 272 -16.87 -5.53 15.66
CA ALA A 272 -16.78 -5.83 14.24
C ALA A 272 -15.71 -6.90 14.07
N PRO A 273 -16.11 -8.09 13.58
CA PRO A 273 -15.26 -9.25 13.46
C PRO A 273 -14.45 -9.22 12.13
N ARG A 274 -13.84 -8.07 11.84
CA ARG A 274 -13.22 -7.78 10.59
C ARG A 274 -12.51 -6.44 10.71
N PRO A 275 -11.64 -6.10 9.70
CA PRO A 275 -11.12 -4.74 9.62
C PRO A 275 -12.29 -3.75 9.59
N HIS A 276 -12.10 -2.57 10.15
CA HIS A 276 -13.26 -1.68 10.35
C HIS A 276 -12.91 -0.29 9.88
N ASN A 277 -13.93 0.47 9.50
CA ASN A 277 -13.77 1.82 8.95
C ASN A 277 -12.86 2.69 9.85
N SER A 278 -13.03 2.57 11.17
CA SER A 278 -12.23 3.38 12.09
C SER A 278 -10.76 3.01 12.09
N GLY A 279 -10.39 1.92 11.39
CA GLY A 279 -8.99 1.47 11.33
C GLY A 279 -8.17 1.85 10.08
N HIS A 280 -8.81 2.55 9.13
CA HIS A 280 -8.13 2.84 7.86
C HIS A 280 -6.92 3.73 7.97
N TYR A 281 -6.94 4.64 8.96
CA TYR A 281 -5.85 5.57 9.19
C TYR A 281 -4.49 4.82 9.21
N SER A 282 -4.52 3.59 9.68
CA SER A 282 -3.30 2.83 9.96
C SER A 282 -2.42 2.57 8.73
N ILE A 283 -3.03 2.55 7.55
CA ILE A 283 -2.28 2.42 6.27
C ILE A 283 -1.17 3.47 6.19
N GLU A 284 -1.44 4.72 6.54
CA GLU A 284 -0.42 5.77 6.40
C GLU A 284 0.32 6.04 7.70
N ALA A 285 -0.37 5.95 8.81
CA ALA A 285 0.13 6.42 10.11
C ALA A 285 0.89 5.40 10.93
N CYS A 286 0.70 4.10 10.63
CA CYS A 286 1.34 3.04 11.42
C CYS A 286 2.38 2.28 10.63
N ASP A 287 3.19 1.50 11.37
CA ASP A 287 4.19 0.71 10.70
C ASP A 287 3.62 -0.60 10.15
N TYR A 288 2.38 -0.91 10.52
CA TYR A 288 1.58 -1.98 9.86
C TYR A 288 0.16 -1.43 9.70
N SER A 289 -0.58 -1.87 8.70
CA SER A 289 -1.98 -1.46 8.63
C SER A 289 -2.88 -2.57 9.13
N GLN A 290 -4.11 -2.25 9.46
CA GLN A 290 -5.05 -3.28 9.90
C GLN A 290 -5.26 -4.41 8.89
N PHE A 291 -5.02 -4.12 7.61
CA PHE A 291 -5.08 -5.15 6.55
C PHE A 291 -3.81 -6.01 6.44
N ASP A 292 -2.64 -5.38 6.53
CA ASP A 292 -1.36 -6.12 6.63
C ASP A 292 -1.46 -7.21 7.71
N THR A 293 -1.84 -6.81 8.94
CA THR A 293 -1.87 -7.78 10.05
C THR A 293 -2.96 -8.83 9.83
N HIS A 294 -4.07 -8.42 9.22
CA HIS A 294 -5.18 -9.36 8.98
C HIS A 294 -4.73 -10.51 8.09
N ILE A 295 -3.95 -10.19 7.08
CA ILE A 295 -3.40 -11.19 6.17
C ILE A 295 -2.33 -12.03 6.87
N LEU A 296 -1.53 -11.39 7.70
CA LEU A 296 -0.50 -12.16 8.43
C LEU A 296 -1.21 -13.18 9.32
N ALA A 297 -2.26 -12.73 10.01
CA ALA A 297 -2.92 -13.57 11.01
C ALA A 297 -3.61 -14.75 10.34
N VAL A 298 -4.29 -14.46 9.25
CA VAL A 298 -5.16 -15.40 8.61
C VAL A 298 -4.32 -16.48 7.91
N THR A 299 -3.13 -16.11 7.45
CA THR A 299 -2.23 -17.05 6.80
C THR A 299 -1.31 -17.76 7.80
N GLY A 300 -1.41 -17.36 9.08
CA GLY A 300 -0.78 -18.10 10.18
C GLY A 300 0.64 -17.66 10.50
N GLN A 301 1.00 -16.45 10.07
CA GLN A 301 2.35 -15.94 10.27
C GLN A 301 2.43 -15.34 11.65
N SER A 302 3.63 -15.04 12.13
CA SER A 302 3.75 -14.26 13.35
C SER A 302 3.30 -12.81 13.16
N LEU A 303 2.65 -12.26 14.17
CA LEU A 303 2.24 -10.87 14.17
C LEU A 303 3.31 -10.05 14.86
N PRO A 304 3.45 -8.77 14.48
CA PRO A 304 4.34 -7.88 15.27
C PRO A 304 3.82 -7.77 16.69
N ASN A 305 4.71 -7.60 17.69
CA ASN A 305 4.30 -7.48 19.08
C ASN A 305 3.54 -6.24 19.37
N SER A 306 3.83 -5.20 18.59
CA SER A 306 3.19 -3.94 18.84
C SER A 306 3.10 -3.19 17.52
N ILE A 307 2.23 -2.19 17.51
CA ILE A 307 2.08 -1.40 16.35
C ILE A 307 2.50 -0.03 16.79
N GLU A 308 3.23 0.65 15.91
CA GLU A 308 3.76 1.95 16.22
C GLU A 308 3.01 2.98 15.41
N LEU A 309 2.56 4.01 16.08
CA LEU A 309 1.95 5.14 15.42
C LEU A 309 3.10 6.06 15.01
N LEU A 310 3.44 6.01 13.72
CA LEU A 310 4.58 6.78 13.16
C LEU A 310 4.29 8.29 13.13
N LYS A 311 3.01 8.65 12.97
CA LYS A 311 2.62 10.04 13.03
C LYS A 311 1.12 10.15 13.30
N PRO A 312 0.69 11.18 14.09
CA PRO A 312 -0.74 11.29 14.41
C PRO A 312 -1.55 11.54 13.15
N ALA A 313 -2.87 11.32 13.19
CA ALA A 313 -3.68 11.35 11.99
C ALA A 313 -5.12 11.70 12.20
N VAL A 314 -5.74 12.31 11.18
CA VAL A 314 -7.16 12.56 11.21
C VAL A 314 -7.77 11.95 9.95
N ASN A 317 -14.07 10.06 6.48
CA ASN A 317 -14.76 9.34 5.42
C ASN A 317 -15.13 10.29 4.30
N LEU A 318 -15.21 9.75 3.09
CA LEU A 318 -15.79 10.51 1.97
C LEU A 318 -17.05 9.83 1.42
N LEU A 319 -18.20 10.41 1.72
CA LEU A 319 -19.52 9.94 1.19
C LEU A 319 -19.77 10.65 -0.10
N GLY A 320 -20.75 10.16 -0.85
CA GLY A 320 -21.16 10.82 -2.08
C GLY A 320 -21.24 12.30 -1.86
N LYS A 321 -21.92 12.74 -0.80
CA LYS A 321 -22.11 14.17 -0.63
C LYS A 321 -20.80 14.92 -0.38
N ASP A 322 -19.85 14.24 0.26
CA ASP A 322 -18.56 14.84 0.52
C ASP A 322 -17.84 15.01 -0.82
N LEU A 323 -17.88 14.00 -1.70
CA LEU A 323 -17.25 14.19 -3.00
C LEU A 323 -17.87 15.39 -3.70
N ASP A 324 -19.21 15.48 -3.69
CA ASP A 324 -19.91 16.61 -4.38
C ASP A 324 -19.32 17.93 -3.93
N LEU A 325 -19.17 18.09 -2.61
CA LEU A 325 -18.57 19.28 -2.03
C LEU A 325 -17.07 19.49 -2.32
N LEU A 326 -16.24 18.44 -2.21
CA LEU A 326 -14.79 18.60 -2.08
C LEU A 326 -13.94 18.18 -3.28
N GLU A 327 -14.46 17.26 -4.11
CA GLU A 327 -13.66 16.65 -5.18
C GLU A 327 -12.91 17.62 -6.08
N ASN A 328 -13.36 18.89 -6.20
CA ASN A 328 -12.57 19.78 -7.08
C ASN A 328 -11.30 20.34 -6.44
N GLU A 329 -11.17 20.20 -5.12
CA GLU A 329 -10.02 20.65 -4.41
C GLU A 329 -8.96 19.53 -4.18
N PHE A 330 -9.24 18.29 -4.58
CA PHE A 330 -8.38 17.17 -4.21
C PHE A 330 -6.97 17.39 -4.78
N ASN A 331 -6.95 17.83 -6.02
CA ASN A 331 -5.76 18.13 -6.82
C ASN A 331 -4.77 18.97 -6.05
N GLU A 332 -5.28 19.87 -5.22
CA GLU A 332 -4.46 20.81 -4.49
C GLU A 332 -4.01 20.32 -3.11
N HIS A 333 -4.50 19.15 -2.68
CA HIS A 333 -4.18 18.68 -1.32
C HIS A 333 -3.61 17.27 -1.28
N PRO A 334 -2.35 17.12 -1.71
CA PRO A 334 -1.66 15.84 -1.57
C PRO A 334 -1.58 15.40 -0.11
N GLU A 335 -1.66 16.33 0.83
CA GLU A 335 -1.54 15.99 2.27
C GLU A 335 -2.80 15.35 2.78
N TRP A 336 -3.80 15.21 1.89
CA TRP A 336 -5.04 14.50 2.23
C TRP A 336 -4.99 13.00 2.03
N HIS A 337 -3.94 12.49 1.35
CA HIS A 337 -3.79 11.07 1.13
C HIS A 337 -5.13 10.41 0.76
N LEU A 338 -5.64 10.77 -0.40
CA LEU A 338 -6.94 10.27 -0.84
C LEU A 338 -6.95 8.77 -1.16
N HIS A 339 -8.00 8.12 -0.67
CA HIS A 339 -8.33 6.79 -1.14
C HIS A 339 -9.69 6.93 -1.82
N ILE A 340 -9.78 6.48 -3.08
CA ILE A 340 -11.04 6.50 -3.75
C ILE A 340 -11.32 5.05 -4.19
N TYR A 341 -12.44 4.53 -3.71
CA TYR A 341 -12.64 3.09 -3.77
C TYR A 341 -12.84 2.56 -5.18
N GLY A 342 -13.46 3.34 -6.05
CA GLY A 342 -13.72 2.90 -7.44
C GLY A 342 -15.16 2.51 -7.67
N LYS A 343 -16.08 2.91 -6.79
CA LYS A 343 -17.48 2.54 -6.99
C LYS A 343 -18.10 3.30 -8.14
N SER A 344 -18.81 2.57 -9.00
CA SER A 344 -19.52 3.18 -10.15
C SER A 344 -20.57 4.22 -9.73
N GLU A 345 -21.35 3.91 -8.70
CA GLU A 345 -22.57 4.67 -8.43
C GLU A 345 -22.43 5.51 -7.18
N ARG A 346 -22.32 6.82 -7.36
CA ARG A 346 -22.32 7.72 -6.26
C ARG A 346 -23.74 7.91 -5.71
N LYS A 347 -23.90 7.72 -4.39
CA LYS A 347 -25.11 8.11 -3.68
C LYS A 347 -24.71 8.95 -2.47
N ASP A 348 -25.62 9.81 -2.03
CA ASP A 348 -25.31 10.80 -1.00
C ASP A 348 -24.61 10.27 0.26
N SER A 349 -25.09 9.16 0.81
CA SER A 349 -24.57 8.66 2.07
C SER A 349 -23.71 7.43 1.89
N ARG A 350 -23.48 7.01 0.67
CA ARG A 350 -22.62 5.86 0.35
C ARG A 350 -21.13 6.19 0.57
N LYS A 351 -20.38 5.26 1.17
CA LYS A 351 -18.97 5.50 1.42
C LYS A 351 -18.16 5.34 0.14
N GLY A 353 -14.98 6.74 -0.48
CA GLY A 353 -13.52 6.75 -0.28
C GLY A 353 -13.26 7.32 1.10
N HIS A 354 -11.99 7.56 1.41
CA HIS A 354 -11.66 8.29 2.63
C HIS A 354 -10.33 9.04 2.43
N THR A 356 -6.85 10.51 4.72
CA THR A 356 -6.09 10.42 5.97
C THR A 356 -5.01 11.51 5.98
N VAL A 357 -5.19 12.49 6.83
CA VAL A 357 -4.27 13.62 7.01
C VAL A 357 -3.30 13.34 8.18
N LEU A 358 -2.04 13.05 7.86
CA LEU A 358 -1.01 12.93 8.88
C LEU A 358 -0.78 14.32 9.41
N THR A 359 -0.45 14.44 10.69
CA THR A 359 -0.32 15.78 11.30
C THR A 359 0.41 15.75 12.64
N ASN A 360 1.07 16.83 12.97
CA ASN A 360 1.58 16.96 14.32
C ASN A 360 0.63 17.71 15.27
N ASP A 361 -0.40 18.33 14.71
CA ASP A 361 -1.42 19.04 15.51
C ASP A 361 -2.86 18.58 15.18
N VAL A 362 -3.29 17.59 15.92
CA VAL A 362 -4.51 16.90 15.67
C VAL A 362 -5.66 17.86 15.94
N ASN A 363 -5.56 18.62 17.02
CA ASN A 363 -6.59 19.61 17.34
C ASN A 363 -6.77 20.61 16.21
N GLN A 364 -5.66 21.11 15.67
CA GLN A 364 -5.71 22.08 14.59
C GLN A 364 -6.22 21.40 13.33
N THR A 365 -5.74 20.18 13.07
CA THR A 365 -6.20 19.51 11.87
C THR A 365 -7.69 19.26 11.95
N GLU A 366 -8.17 18.90 13.12
CA GLU A 366 -9.59 18.66 13.31
C GLU A 366 -10.43 19.88 12.92
N GLN A 367 -9.97 21.04 13.38
CA GLN A 367 -10.62 22.31 13.13
C GLN A 367 -10.63 22.63 11.64
N ASP A 368 -9.52 22.36 10.95
CA ASP A 368 -9.48 22.54 9.49
C ASP A 368 -10.54 21.70 8.74
N TYR A 370 -13.50 20.35 10.05
CA TYR A 370 -14.81 20.92 10.31
C TYR A 370 -15.08 22.03 9.30
N ALA A 371 -14.17 22.99 9.23
CA ALA A 371 -14.31 24.08 8.28
C ALA A 371 -14.44 23.49 6.89
N LYS A 372 -13.57 22.54 6.57
CA LYS A 372 -13.59 21.99 5.25
C LYS A 372 -14.90 21.24 4.91
N PHE A 373 -15.44 20.44 5.83
CA PHE A 373 -16.65 19.61 5.54
C PHE A 373 -18.00 20.32 5.77
N GLU A 374 -17.99 21.51 6.36
CA GLU A 374 -19.18 22.37 6.37
C GLU A 374 -19.42 23.05 5.03
N ASN B 5 2.82 21.99 -18.93
CA ASN B 5 1.82 21.47 -18.02
C ASN B 5 1.04 20.35 -18.72
N PHE B 6 0.63 19.37 -17.92
CA PHE B 6 0.00 18.17 -18.42
C PHE B 6 -1.39 18.08 -17.83
N ASN B 7 -2.32 17.54 -18.63
CA ASN B 7 -3.68 17.35 -18.19
C ASN B 7 -3.73 16.91 -16.76
N LYS B 8 -4.56 17.62 -16.00
CA LYS B 8 -4.98 17.20 -14.69
C LYS B 8 -6.09 16.13 -14.80
N LEU B 9 -5.77 14.89 -14.42
CA LEU B 9 -6.74 13.82 -14.46
C LEU B 9 -7.30 13.55 -13.08
N LYS B 10 -8.62 13.55 -12.98
CA LYS B 10 -9.27 13.28 -11.71
C LYS B 10 -9.52 11.80 -11.47
N PHE B 11 -9.74 11.37 -10.21
CA PHE B 11 -10.05 9.96 -10.01
C PHE B 11 -11.10 9.47 -11.06
N GLY B 12 -10.99 8.20 -11.45
CA GLY B 12 -11.87 7.65 -12.46
C GLY B 12 -11.21 7.59 -13.82
N ALA B 13 -10.16 8.38 -14.02
CA ALA B 13 -9.38 8.36 -15.24
C ALA B 13 -8.58 7.05 -15.39
N THR B 14 -8.09 6.77 -16.59
CA THR B 14 -7.39 5.53 -16.88
C THR B 14 -5.90 5.74 -17.16
N ILE B 15 -5.06 5.00 -16.44
CA ILE B 15 -3.60 5.07 -16.58
C ILE B 15 -3.13 3.81 -17.28
N GLY B 16 -2.37 3.97 -18.36
CA GLY B 16 -1.76 2.83 -19.06
C GLY B 16 -0.33 2.67 -18.61
N ILE B 17 0.08 1.44 -18.38
CA ILE B 17 1.47 1.18 -17.97
C ILE B 17 2.14 0.31 -19.00
N ILE B 18 3.22 0.81 -19.59
CA ILE B 18 4.05 0.00 -20.48
C ILE B 18 5.00 -0.81 -19.64
N GLY B 19 4.76 -2.11 -19.56
CA GLY B 19 5.60 -3.03 -18.81
C GLY B 19 4.89 -3.46 -17.56
N GLY B 20 4.87 -4.76 -17.30
CA GLY B 20 4.16 -5.24 -16.17
C GLY B 20 4.95 -5.96 -15.11
N GLY B 21 6.22 -5.56 -14.93
CA GLY B 21 7.04 -6.13 -13.83
C GLY B 21 6.66 -5.55 -12.48
N GLN B 22 7.58 -5.67 -11.52
CA GLN B 22 7.23 -5.30 -10.15
C GLN B 22 7.04 -3.77 -10.00
N LEU B 23 7.77 -2.99 -10.78
CA LEU B 23 7.63 -1.55 -10.77
C LEU B 23 6.27 -1.18 -11.33
N GLY B 24 5.89 -1.77 -12.46
CA GLY B 24 4.52 -1.61 -12.93
C GLY B 24 3.51 -2.01 -11.86
N LYS B 25 3.74 -3.14 -11.18
CA LYS B 25 2.77 -3.62 -10.18
C LYS B 25 2.56 -2.58 -9.08
N ALA B 28 0.58 0.36 -10.24
CA ALA B 28 -0.80 -0.03 -10.42
C ALA B 28 -1.48 -0.03 -9.02
N GLN B 29 -0.77 -0.45 -7.96
CA GLN B 29 -1.39 -0.57 -6.64
C GLN B 29 -1.72 0.81 -6.05
N SER B 30 -0.78 1.76 -6.20
CA SER B 30 -1.07 3.14 -5.84
C SER B 30 -2.23 3.67 -6.66
N ALA B 31 -2.18 3.45 -7.98
CA ALA B 31 -3.18 3.99 -8.88
C ALA B 31 -4.59 3.57 -8.44
N GLN B 32 -4.76 2.28 -8.12
CA GLN B 32 -6.10 1.77 -7.75
C GLN B 32 -6.49 2.26 -6.40
N LYS B 33 -5.51 2.43 -5.53
CA LYS B 33 -5.78 2.95 -4.22
C LYS B 33 -6.45 4.34 -4.37
N GLY B 35 -7.98 5.47 -6.96
CA GLY B 35 -9.23 5.43 -7.70
C GLY B 35 -9.04 5.63 -9.17
N TYR B 36 -7.85 5.33 -9.67
CA TYR B 36 -7.63 5.33 -11.12
C TYR B 36 -7.74 3.93 -11.65
N LYS B 37 -8.26 3.80 -12.87
CA LYS B 37 -8.28 2.52 -13.54
C LYS B 37 -6.90 2.26 -14.19
N VAL B 38 -6.55 0.98 -14.31
CA VAL B 38 -5.23 0.61 -14.81
C VAL B 38 -5.27 -0.36 -15.98
N VAL B 39 -4.61 0.00 -17.06
CA VAL B 39 -4.38 -0.93 -18.19
C VAL B 39 -2.88 -1.19 -18.29
N VAL B 40 -2.47 -2.46 -18.31
CA VAL B 40 -1.04 -2.82 -18.40
C VAL B 40 -0.70 -3.59 -19.68
N LEU B 41 0.38 -3.18 -20.36
CA LEU B 41 0.90 -3.94 -21.48
C LEU B 41 2.25 -4.62 -21.15
N ASP B 42 2.39 -5.87 -21.59
CA ASP B 42 3.55 -6.68 -21.25
C ASP B 42 3.48 -7.95 -22.12
N PRO B 43 4.63 -8.43 -22.59
CA PRO B 43 4.62 -9.63 -23.46
C PRO B 43 4.29 -10.95 -22.72
N SER B 44 4.44 -10.96 -21.40
CA SER B 44 4.23 -12.21 -20.63
C SER B 44 2.88 -12.31 -19.90
N GLU B 45 2.19 -13.44 -20.06
CA GLU B 45 0.93 -13.67 -19.32
C GLU B 45 1.20 -13.81 -17.83
N ASP B 46 2.45 -14.09 -17.44
CA ASP B 46 2.83 -14.26 -16.04
C ASP B 46 3.27 -12.96 -15.33
N CYS B 47 3.17 -11.83 -16.01
CA CYS B 47 3.73 -10.61 -15.45
C CYS B 47 3.10 -10.28 -14.11
N PRO B 48 3.92 -9.80 -13.17
CA PRO B 48 3.49 -9.52 -11.81
C PRO B 48 2.39 -8.47 -11.65
N CYS B 49 2.25 -7.57 -12.63
CA CYS B 49 1.28 -6.48 -12.57
C CYS B 49 -0.12 -6.90 -13.12
N ARG B 50 -0.21 -8.06 -13.76
CA ARG B 50 -1.44 -8.45 -14.40
C ARG B 50 -2.75 -8.35 -13.55
N TYR B 51 -2.72 -8.81 -12.30
CA TYR B 51 -3.99 -8.93 -11.59
C TYR B 51 -4.24 -7.77 -10.64
N VAL B 52 -3.54 -6.68 -10.86
CA VAL B 52 -3.89 -5.41 -10.26
C VAL B 52 -4.15 -4.40 -11.39
N ALA B 53 -4.59 -4.90 -12.55
CA ALA B 53 -4.96 -4.02 -13.64
C ALA B 53 -6.41 -4.27 -14.00
N HIS B 54 -7.10 -3.22 -14.40
CA HIS B 54 -8.43 -3.41 -14.95
C HIS B 54 -8.38 -4.15 -16.24
N GLU B 55 -7.26 -4.01 -16.94
CA GLU B 55 -7.16 -4.60 -18.25
C GLU B 55 -5.73 -5.01 -18.55
N PHE B 56 -5.60 -6.12 -19.24
CA PHE B 56 -4.28 -6.62 -19.61
C PHE B 56 -4.21 -6.78 -21.12
N ILE B 57 -3.20 -6.15 -21.72
CA ILE B 57 -2.93 -6.24 -23.13
C ILE B 57 -1.62 -7.00 -23.26
N GLN B 58 -1.70 -8.24 -23.74
CA GLN B 58 -0.53 -9.08 -23.89
C GLN B 58 0.15 -8.83 -25.22
N ALA B 59 1.35 -8.24 -25.18
CA ALA B 59 2.03 -7.85 -26.42
C ALA B 59 3.49 -7.48 -26.23
N LYS B 60 4.27 -7.72 -27.28
CA LYS B 60 5.68 -7.32 -27.29
C LYS B 60 5.83 -5.80 -27.27
N TYR B 61 7.04 -5.32 -26.90
CA TYR B 61 7.22 -3.89 -26.72
C TYR B 61 7.38 -3.15 -28.05
N ASP B 62 7.58 -3.89 -29.14
CA ASP B 62 7.68 -3.30 -30.45
C ASP B 62 6.37 -3.51 -31.23
N ASP B 63 5.27 -3.81 -30.51
CA ASP B 63 3.99 -4.09 -31.20
C ASP B 63 3.20 -2.82 -31.32
N GLU B 64 3.49 -2.09 -32.38
CA GLU B 64 2.88 -0.81 -32.66
C GLU B 64 1.34 -0.84 -32.60
N LYS B 65 0.73 -1.87 -33.17
CA LYS B 65 -0.73 -2.00 -33.08
C LYS B 65 -1.21 -2.03 -31.62
N ALA B 66 -0.56 -2.81 -30.77
CA ALA B 66 -1.01 -2.93 -29.39
C ALA B 66 -0.59 -1.67 -28.64
N LEU B 67 0.54 -1.09 -29.02
CA LEU B 67 0.96 0.14 -28.36
C LEU B 67 -0.05 1.22 -28.62
N ASN B 68 -0.85 1.05 -29.67
CA ASN B 68 -1.85 2.02 -30.06
C ASN B 68 -3.23 1.72 -29.47
N GLN B 69 -3.56 0.45 -29.29
CA GLN B 69 -4.73 0.08 -28.49
C GLN B 69 -4.62 0.70 -27.06
N LEU B 70 -3.42 0.64 -26.50
CA LEU B 70 -3.15 1.19 -25.18
C LEU B 70 -3.43 2.69 -25.09
N GLY B 71 -2.92 3.42 -26.08
CA GLY B 71 -3.10 4.85 -26.14
C GLY B 71 -4.57 5.19 -26.31
N GLN B 72 -5.25 4.41 -27.14
CA GLN B 72 -6.68 4.59 -27.33
C GLN B 72 -7.45 4.50 -26.02
N LYS B 73 -7.03 3.58 -25.15
CA LYS B 73 -7.77 3.24 -23.96
C LYS B 73 -7.40 4.08 -22.75
N CYS B 74 -6.44 5.00 -22.89
CA CYS B 74 -5.84 5.60 -21.69
C CYS B 74 -5.83 7.13 -21.74
N ASP B 75 -6.04 7.74 -20.59
CA ASP B 75 -5.95 9.17 -20.44
C ASP B 75 -4.50 9.61 -20.25
N VAL B 76 -3.68 8.68 -19.80
CA VAL B 76 -2.25 8.95 -19.63
C VAL B 76 -1.51 7.60 -19.63
N ILE B 77 -0.31 7.61 -20.16
CA ILE B 77 0.51 6.43 -20.21
C ILE B 77 1.88 6.72 -19.55
N THR B 78 2.31 5.78 -18.73
CA THR B 78 3.66 5.84 -18.17
C THR B 78 4.36 4.52 -18.47
N TYR B 79 5.68 4.56 -18.54
CA TYR B 79 6.47 3.32 -18.71
C TYR B 79 7.11 3.02 -17.36
N GLU B 80 7.25 1.74 -17.07
CA GLU B 80 7.79 1.29 -15.76
C GLU B 80 9.27 0.93 -15.89
N PHE B 81 9.78 0.87 -17.11
CA PHE B 81 11.15 0.41 -17.35
C PHE B 81 11.65 0.84 -18.76
N GLU B 82 12.94 0.60 -19.07
CA GLU B 82 13.46 0.79 -20.44
C GLU B 82 12.99 -0.42 -21.21
N ASN B 83 12.04 -0.23 -22.11
CA ASN B 83 11.42 -1.39 -22.79
C ASN B 83 11.18 -1.09 -24.24
N ILE B 84 10.48 0.00 -24.47
CA ILE B 84 10.14 0.40 -25.82
C ILE B 84 11.35 1.16 -26.40
N SER B 85 11.61 0.99 -27.69
CA SER B 85 12.63 1.79 -28.35
C SER B 85 12.33 3.29 -28.24
N ALA B 86 13.38 4.09 -28.36
CA ALA B 86 13.29 5.55 -28.36
C ALA B 86 12.39 6.09 -29.47
N GLN B 87 12.59 5.64 -30.70
N GLN B 87 12.63 5.61 -30.68
CA GLN B 87 11.80 6.16 -31.82
CA GLN B 87 11.89 5.98 -31.87
C GLN B 87 10.33 5.78 -31.69
C GLN B 87 10.40 5.76 -31.67
N GLN B 88 10.07 4.56 -31.21
CA GLN B 88 8.67 4.19 -30.97
C GLN B 88 8.05 5.02 -29.82
N LEU B 89 8.84 5.30 -28.77
CA LEU B 89 8.29 6.06 -27.65
C LEU B 89 8.03 7.49 -28.12
N LYS B 90 8.92 8.01 -28.95
CA LYS B 90 8.74 9.36 -29.45
C LYS B 90 7.41 9.49 -30.19
N LEU B 91 7.14 8.59 -31.12
CA LEU B 91 5.89 8.62 -31.88
C LEU B 91 4.71 8.51 -30.93
N LEU B 92 4.81 7.61 -29.94
CA LEU B 92 3.74 7.50 -28.95
C LEU B 92 3.47 8.79 -28.22
N CYS B 93 4.55 9.49 -27.82
CA CYS B 93 4.45 10.73 -27.03
C CYS B 93 3.82 11.81 -27.88
N GLU B 94 4.02 11.74 -29.19
CA GLU B 94 3.47 12.78 -30.07
C GLU B 94 1.98 12.60 -30.28
N LYS B 95 1.53 11.36 -30.15
CA LYS B 95 0.12 10.99 -30.40
C LYS B 95 -0.78 10.90 -29.13
N TYR B 96 -0.17 10.46 -28.02
CA TYR B 96 -0.91 10.33 -26.75
C TYR B 96 -0.27 11.11 -25.58
N ASN B 97 -0.96 11.11 -24.44
CA ASN B 97 -0.46 11.82 -23.29
C ASN B 97 0.55 11.01 -22.45
N ILE B 98 1.84 11.32 -22.60
CA ILE B 98 2.89 10.59 -21.89
C ILE B 98 3.87 11.59 -21.24
N PRO B 99 3.50 12.12 -20.06
CA PRO B 99 4.28 13.12 -19.32
C PRO B 99 5.78 12.84 -19.24
N GLN B 100 6.20 11.60 -19.05
CA GLN B 100 7.64 11.26 -18.97
C GLN B 100 8.43 11.58 -20.23
N GLY B 101 7.76 11.60 -21.37
CA GLY B 101 8.41 11.97 -22.61
C GLY B 101 9.37 10.89 -23.09
N TYR B 102 10.09 11.23 -24.15
CA TYR B 102 10.94 10.28 -24.81
C TYR B 102 12.40 10.67 -24.71
N GLN B 103 12.66 11.93 -24.36
CA GLN B 103 14.00 12.49 -24.33
C GLN B 103 14.96 11.73 -23.43
N ALA B 104 14.58 11.56 -22.15
CA ALA B 104 15.43 10.84 -21.18
C ALA B 104 15.69 9.41 -21.60
N ILE B 105 14.68 8.74 -22.14
CA ILE B 105 14.90 7.40 -22.63
C ILE B 105 15.94 7.43 -23.76
N GLN B 106 15.71 8.31 -24.70
CA GLN B 106 16.55 8.41 -25.90
C GLN B 106 17.99 8.72 -25.54
N LEU B 107 18.21 9.74 -24.72
CA LEU B 107 19.55 10.08 -24.21
C LEU B 107 20.25 8.90 -23.59
N LEU B 108 19.62 8.35 -22.56
CA LEU B 108 20.20 7.26 -21.75
C LEU B 108 20.30 5.94 -22.50
N GLN B 109 19.91 5.95 -23.77
CA GLN B 109 20.07 4.78 -24.62
C GLN B 109 21.44 4.91 -25.32
N ASP B 110 22.16 6.01 -25.06
CA ASP B 110 23.40 6.35 -25.78
C ASP B 110 24.45 6.89 -24.81
N ARG B 111 25.44 6.07 -24.47
CA ARG B 111 26.31 6.40 -23.35
C ARG B 111 27.16 7.64 -23.63
N LEU B 112 27.53 7.82 -24.90
CA LEU B 112 28.38 8.92 -25.24
C LEU B 112 27.60 10.24 -25.13
N THR B 113 26.46 10.31 -25.80
CA THR B 113 25.66 11.55 -25.79
C THR B 113 25.20 11.84 -24.37
N GLU B 114 24.78 10.78 -23.68
CA GLU B 114 24.47 10.85 -22.24
C GLU B 114 25.56 11.62 -21.46
N LYS B 115 26.78 11.09 -21.51
CA LYS B 115 27.97 11.71 -20.89
C LYS B 115 28.19 13.16 -21.38
N GLU B 116 28.15 13.37 -22.69
CA GLU B 116 28.48 14.69 -23.24
C GLU B 116 27.39 15.72 -22.85
N THR B 117 26.14 15.24 -22.75
CA THR B 117 25.04 16.07 -22.30
C THR B 117 25.14 16.38 -20.79
N LEU B 118 25.54 15.40 -20.01
CA LEU B 118 25.75 15.67 -18.59
C LEU B 118 26.89 16.66 -18.39
N LYS B 119 27.97 16.48 -19.12
CA LYS B 119 29.08 17.39 -18.99
C LYS B 119 28.64 18.81 -19.39
N SER B 120 28.09 18.92 -20.59
CA SER B 120 27.48 20.17 -21.08
C SER B 120 26.63 20.85 -20.02
N ALA B 121 25.77 20.08 -19.36
CA ALA B 121 24.92 20.60 -18.28
C ALA B 121 25.71 21.09 -17.04
N GLY B 122 27.04 20.88 -17.05
CA GLY B 122 27.88 21.23 -15.90
C GLY B 122 27.83 20.26 -14.70
N THR B 123 27.34 19.03 -14.90
CA THR B 123 27.32 18.08 -13.79
C THR B 123 28.68 17.40 -13.68
N LYS B 124 28.90 16.79 -12.52
CA LYS B 124 30.11 16.11 -12.22
C LYS B 124 30.02 14.71 -12.79
N VAL B 125 30.72 14.48 -13.87
CA VAL B 125 30.70 13.23 -14.60
C VAL B 125 32.08 12.59 -14.45
N VAL B 126 32.14 11.25 -14.39
CA VAL B 126 33.44 10.55 -14.45
C VAL B 126 34.11 10.86 -15.81
N PRO B 127 35.38 11.30 -15.78
CA PRO B 127 36.07 11.73 -17.02
C PRO B 127 36.10 10.57 -18.02
N PHE B 128 35.84 10.87 -19.28
CA PHE B 128 35.62 9.82 -20.28
C PHE B 128 36.11 10.25 -21.64
N ILE B 129 36.28 9.29 -22.53
CA ILE B 129 36.53 9.58 -23.95
C ILE B 129 35.91 8.52 -24.83
N SER B 130 35.65 8.89 -26.08
CA SER B 130 35.14 7.93 -27.03
C SER B 130 36.22 6.96 -27.52
N VAL B 131 35.86 5.69 -27.55
CA VAL B 131 36.70 4.67 -28.15
C VAL B 131 35.91 3.94 -29.22
N LYS B 132 36.16 4.32 -30.47
CA LYS B 132 35.55 3.69 -31.65
C LYS B 132 36.57 2.89 -32.44
N GLU B 133 37.78 3.42 -32.56
CA GLU B 133 38.84 2.83 -33.37
C GLU B 133 40.00 2.38 -32.46
N SER B 134 40.74 1.35 -32.90
CA SER B 134 41.84 0.77 -32.13
C SER B 134 42.80 1.82 -31.55
N THR B 135 42.96 2.93 -32.27
CA THR B 135 43.87 4.01 -31.89
C THR B 135 43.36 4.76 -30.66
N ASP B 136 42.04 4.81 -30.51
CA ASP B 136 41.39 5.57 -29.43
C ASP B 136 41.79 5.00 -28.08
N ILE B 137 42.09 3.71 -28.04
CA ILE B 137 42.54 3.07 -26.81
C ILE B 137 43.78 3.77 -26.26
N ASP B 138 44.69 4.14 -27.16
CA ASP B 138 45.91 4.88 -26.80
C ASP B 138 45.59 6.23 -26.17
N LYS B 139 44.53 6.89 -26.63
CA LYS B 139 44.11 8.17 -26.04
C LYS B 139 43.63 7.89 -24.63
N ALA B 140 42.95 6.76 -24.47
CA ALA B 140 42.41 6.37 -23.18
C ALA B 140 43.56 6.07 -22.23
N ILE B 141 44.55 5.33 -22.70
CA ILE B 141 45.78 5.10 -21.93
C ILE B 141 46.35 6.41 -21.39
N GLU B 142 46.52 7.40 -22.27
CA GLU B 142 47.10 8.68 -21.88
C GLU B 142 46.20 9.49 -20.97
N THR B 143 45.06 9.95 -21.52
CA THR B 143 44.11 10.82 -20.79
C THR B 143 43.62 10.23 -19.47
N LEU B 144 43.09 9.02 -19.52
CA LEU B 144 42.38 8.45 -18.36
C LEU B 144 43.33 7.65 -17.49
N GLY B 145 44.28 6.96 -18.10
CA GLY B 145 45.22 6.14 -17.36
C GLY B 145 44.63 4.85 -16.80
N TYR B 146 45.51 3.94 -16.43
CA TYR B 146 45.09 2.71 -15.81
C TYR B 146 44.70 3.00 -14.36
N PRO B 147 43.63 2.31 -13.86
CA PRO B 147 42.72 1.50 -14.66
C PRO B 147 41.64 2.35 -15.32
N PHE B 148 41.08 1.87 -16.43
CA PHE B 148 39.93 2.50 -17.06
C PHE B 148 39.00 1.43 -17.61
N ILE B 149 37.76 1.77 -17.92
CA ILE B 149 36.82 0.72 -18.35
C ILE B 149 36.17 1.06 -19.69
N VAL B 150 36.02 0.04 -20.52
CA VAL B 150 35.51 0.21 -21.87
C VAL B 150 34.07 -0.31 -21.92
N LYS B 151 33.11 0.59 -22.15
CA LYS B 151 31.70 0.21 -22.12
C LYS B 151 31.04 0.48 -23.46
N THR B 152 30.24 -0.47 -23.92
CA THR B 152 29.59 -0.37 -25.22
C THR B 152 28.67 0.84 -25.22
N ARG B 153 28.87 1.68 -26.24
CA ARG B 153 28.15 2.93 -26.38
C ARG B 153 26.65 2.71 -26.46
N PHE B 154 26.20 1.76 -27.29
CA PHE B 154 24.77 1.40 -27.42
C PHE B 154 24.40 0.09 -26.70
N GLY B 155 23.11 -0.09 -26.41
CA GLY B 155 22.61 -1.29 -25.74
C GLY B 155 21.83 -0.99 -24.47
N GLY B 161 27.56 -5.38 -22.27
CA GLY B 161 28.87 -5.40 -22.90
C GLY B 161 29.86 -4.47 -22.23
N GLN B 162 30.94 -5.03 -21.68
CA GLN B 162 31.85 -4.31 -20.77
C GLN B 162 33.18 -5.05 -20.62
N VAL B 163 34.26 -4.31 -20.36
CA VAL B 163 35.59 -4.89 -20.05
C VAL B 163 36.52 -3.95 -19.25
N LEU B 164 36.98 -4.44 -18.08
CA LEU B 164 37.87 -3.67 -17.22
C LEU B 164 39.34 -3.81 -17.61
N ILE B 165 39.99 -2.67 -17.88
CA ILE B 165 41.41 -2.63 -18.26
C ILE B 165 42.31 -2.11 -17.14
N ASN B 166 42.75 -3.01 -16.25
CA ASN B 166 43.66 -2.68 -15.15
C ASN B 166 45.06 -2.30 -15.62
N ASN B 167 45.51 -2.93 -16.71
CA ASN B 167 46.87 -2.73 -17.28
C ASN B 167 47.01 -3.29 -18.71
N GLU B 168 48.25 -3.34 -19.20
CA GLU B 168 48.57 -3.88 -20.53
C GLU B 168 47.86 -5.20 -20.88
N LYS B 169 47.93 -6.16 -19.96
CA LYS B 169 47.42 -7.52 -20.19
C LYS B 169 45.93 -7.60 -20.56
N ASP B 170 45.18 -6.51 -20.35
CA ASP B 170 43.74 -6.50 -20.64
C ASP B 170 43.42 -5.84 -21.98
N LEU B 171 44.41 -5.14 -22.54
CA LEU B 171 44.26 -4.42 -23.81
C LEU B 171 43.70 -5.29 -24.94
N GLN B 172 44.15 -6.55 -24.99
CA GLN B 172 43.70 -7.48 -26.02
C GLN B 172 42.17 -7.62 -26.00
N GLU B 173 41.63 -7.87 -24.80
CA GLU B 173 40.20 -8.06 -24.59
C GLU B 173 39.36 -6.79 -24.89
N GLY B 174 39.92 -5.63 -24.59
CA GLY B 174 39.30 -4.35 -24.91
C GLY B 174 39.34 -4.06 -26.41
N PHE B 175 40.46 -4.38 -27.04
CA PHE B 175 40.58 -4.26 -28.50
C PHE B 175 39.52 -5.12 -29.17
N LYS B 176 39.16 -6.23 -28.52
CA LYS B 176 38.22 -7.20 -29.09
C LYS B 176 36.76 -6.86 -28.79
N LEU B 177 36.56 -5.88 -27.92
CA LEU B 177 35.26 -5.25 -27.77
C LEU B 177 35.07 -4.14 -28.81
N ILE B 178 36.15 -3.43 -29.11
CA ILE B 178 36.15 -2.35 -30.09
C ILE B 178 35.89 -2.89 -31.51
N GLU B 179 36.36 -4.11 -31.76
CA GLU B 179 36.16 -4.77 -33.05
C GLU B 179 34.69 -4.89 -33.39
N THR B 180 33.88 -5.25 -32.39
CA THR B 180 32.46 -5.47 -32.58
C THR B 180 31.63 -4.20 -32.47
N SER B 181 31.54 -3.63 -31.28
CA SER B 181 30.69 -2.48 -31.03
C SER B 181 31.48 -1.24 -30.87
N GLU B 182 30.81 -0.08 -30.87
CA GLU B 182 31.45 1.22 -30.54
C GLU B 182 31.42 1.42 -29.03
N CYS B 183 32.41 2.13 -28.48
CA CYS B 183 32.55 2.24 -27.02
C CYS B 183 32.85 3.64 -26.47
N VAL B 184 32.69 3.77 -25.15
CA VAL B 184 33.16 4.92 -24.38
C VAL B 184 33.99 4.39 -23.23
N ALA B 185 35.14 5.01 -22.99
CA ALA B 185 36.03 4.68 -21.87
C ALA B 185 35.90 5.67 -20.70
N GLU B 186 36.02 5.15 -19.48
CA GLU B 186 35.87 5.93 -18.25
C GLU B 186 36.97 5.59 -17.27
N LYS B 187 37.36 6.57 -16.45
CA LYS B 187 38.26 6.26 -15.34
C LYS B 187 37.55 5.25 -14.44
N TYR B 188 38.32 4.25 -14.01
CA TYR B 188 37.80 3.29 -13.06
C TYR B 188 38.18 3.73 -11.68
N LEU B 189 37.25 4.36 -10.99
CA LEU B 189 37.54 4.92 -9.67
C LEU B 189 37.38 3.92 -8.54
N ASN B 190 38.18 4.14 -7.50
CA ASN B 190 38.00 3.47 -6.22
C ASN B 190 36.81 4.12 -5.50
N ILE B 191 35.70 3.40 -5.49
CA ILE B 191 34.43 3.88 -4.92
C ILE B 191 34.34 3.59 -3.43
N LYS B 192 34.13 4.65 -2.67
CA LYS B 192 34.00 4.54 -1.24
C LYS B 192 32.52 4.31 -0.81
N LYS B 193 31.59 4.99 -1.49
CA LYS B 193 30.14 4.81 -1.22
C LYS B 193 29.34 5.10 -2.48
N GLU B 194 28.15 4.51 -2.55
CA GLU B 194 27.19 4.86 -3.55
C GLU B 194 25.93 5.38 -2.94
N VAL B 195 25.35 6.41 -3.54
CA VAL B 195 24.11 6.97 -3.05
C VAL B 195 23.20 7.30 -4.22
N SER B 196 21.92 7.47 -3.91
CA SER B 196 21.00 7.84 -4.92
C SER B 196 19.97 8.81 -4.33
N LEU B 197 19.43 9.65 -5.21
CA LEU B 197 18.40 10.53 -4.84
C LEU B 197 17.20 10.20 -5.71
N THR B 198 16.08 9.86 -5.08
CA THR B 198 14.81 9.64 -5.78
C THR B 198 14.10 10.99 -5.73
N VAL B 199 13.41 11.31 -6.80
CA VAL B 199 12.88 12.67 -7.00
C VAL B 199 11.58 12.56 -7.77
N THR B 200 10.63 13.44 -7.48
CA THR B 200 9.42 13.46 -8.27
C THR B 200 9.24 14.89 -8.77
N ARG B 201 8.99 15.02 -10.08
CA ARG B 201 8.77 16.31 -10.69
C ARG B 201 7.41 16.28 -11.36
N GLY B 202 6.65 17.36 -11.24
CA GLY B 202 5.32 17.40 -11.82
C GLY B 202 5.08 18.72 -12.51
N ASN B 203 3.81 19.07 -12.72
CA ASN B 203 3.36 20.35 -13.33
C ASN B 203 3.92 21.56 -12.66
N ASN B 204 4.09 22.63 -13.42
CA ASN B 204 4.54 23.92 -12.85
C ASN B 204 5.89 23.87 -12.23
N ASN B 205 6.80 23.07 -12.80
CA ASN B 205 8.16 22.90 -12.29
C ASN B 205 8.28 22.41 -10.84
N GLN B 206 7.19 21.92 -10.27
CA GLN B 206 7.28 21.39 -8.91
C GLN B 206 8.20 20.17 -8.80
N ILE B 207 9.08 20.22 -7.81
CA ILE B 207 10.12 19.24 -7.60
C ILE B 207 10.25 18.83 -6.11
N THR B 208 10.14 17.53 -5.85
CA THR B 208 10.16 17.07 -4.45
C THR B 208 11.16 15.94 -4.28
N PHE B 209 12.02 16.06 -3.29
CA PHE B 209 13.10 15.08 -3.07
C PHE B 209 12.80 14.09 -1.94
N PHE B 210 13.05 12.81 -2.20
CA PHE B 210 13.10 11.79 -1.14
C PHE B 210 14.43 11.87 -0.36
N PRO B 211 14.50 11.25 0.83
CA PRO B 211 15.76 11.29 1.58
C PRO B 211 16.87 10.56 0.81
N LEU B 212 18.09 11.06 0.92
CA LEU B 212 19.25 10.45 0.29
C LEU B 212 19.42 9.00 0.71
N GLN B 213 19.61 8.12 -0.27
CA GLN B 213 19.65 6.67 -0.09
C GLN B 213 21.10 6.20 -0.20
N GLU B 214 21.54 5.35 0.73
CA GLU B 214 22.87 4.73 0.60
C GLU B 214 22.72 3.30 0.06
N ASN B 215 23.31 3.06 -1.10
CA ASN B 215 23.15 1.76 -1.76
C ASN B 215 24.38 0.90 -1.78
N GLU B 216 24.18 -0.39 -1.56
CA GLU B 216 25.24 -1.35 -1.75
C GLU B 216 24.84 -2.35 -2.83
N HIS B 217 25.76 -2.61 -3.77
CA HIS B 217 25.54 -3.59 -4.83
C HIS B 217 26.45 -4.78 -4.65
N ARG B 218 25.99 -5.97 -5.05
CA ARG B 218 26.77 -7.16 -5.09
C ARG B 218 26.52 -7.82 -6.44
N ASN B 219 27.57 -8.25 -7.15
CA ASN B 219 27.43 -8.86 -8.47
C ASN B 219 26.61 -8.01 -9.42
N GLN B 220 26.71 -6.68 -9.27
CA GLN B 220 26.08 -5.70 -10.15
C GLN B 220 24.58 -5.66 -10.01
N ILE B 221 24.12 -6.07 -8.83
CA ILE B 221 22.71 -6.11 -8.50
C ILE B 221 22.54 -5.39 -7.16
N LEU B 222 21.52 -4.54 -7.07
CA LEU B 222 21.32 -3.79 -5.84
C LEU B 222 21.09 -4.80 -4.71
N PHE B 223 21.77 -4.61 -3.59
CA PHE B 223 21.73 -5.57 -2.51
C PHE B 223 21.05 -4.99 -1.27
N LYS B 224 21.47 -3.78 -0.87
CA LYS B 224 20.96 -3.15 0.35
C LYS B 224 20.88 -1.65 0.15
N THR B 225 19.78 -1.06 0.62
CA THR B 225 19.61 0.39 0.64
C THR B 225 19.39 0.80 2.09
N ILE B 226 20.18 1.74 2.57
CA ILE B 226 20.06 2.29 3.90
C ILE B 226 19.64 3.74 3.85
N VAL B 227 18.71 4.08 4.73
CA VAL B 227 18.16 5.42 4.80
C VAL B 227 17.90 5.82 6.24
N PRO B 228 18.41 6.99 6.67
CA PRO B 228 19.16 7.96 5.85
C PRO B 228 20.59 7.53 5.53
N ALA B 229 21.12 8.01 4.41
CA ALA B 229 22.45 7.68 3.95
C ALA B 229 23.47 8.13 4.98
N ARG B 230 24.51 7.32 5.22
CA ARG B 230 25.48 7.64 6.27
C ARG B 230 26.66 8.44 5.63
N ILE B 231 26.41 9.07 4.49
CA ILE B 231 27.34 10.07 3.97
C ILE B 231 26.60 11.36 3.62
N ASP B 232 27.15 12.49 4.07
CA ASP B 232 26.46 13.76 4.03
C ASP B 232 26.63 14.48 2.70
N LYS B 233 25.96 13.98 1.67
CA LYS B 233 26.04 14.55 0.34
C LYS B 233 24.68 15.06 -0.21
N THR B 234 23.71 15.29 0.67
CA THR B 234 22.37 15.71 0.28
C THR B 234 22.35 17.03 -0.53
N ALA B 235 22.93 18.08 0.06
CA ALA B 235 23.01 19.37 -0.61
C ALA B 235 23.63 19.19 -2.01
N GLU B 236 24.81 18.58 -2.07
CA GLU B 236 25.51 18.41 -3.35
C GLU B 236 24.71 17.63 -4.34
N ALA B 237 24.04 16.57 -3.89
CA ALA B 237 23.35 15.68 -4.80
C ALA B 237 22.20 16.41 -5.45
N LYS B 238 21.53 17.25 -4.64
CA LYS B 238 20.40 18.09 -5.13
C LYS B 238 20.85 19.11 -6.19
N GLU B 239 21.98 19.75 -5.94
CA GLU B 239 22.57 20.72 -6.86
C GLU B 239 22.82 20.03 -8.20
N GLN B 240 23.35 18.82 -8.18
CA GLN B 240 23.52 18.02 -9.41
C GLN B 240 22.17 17.69 -10.08
N VAL B 241 21.21 17.21 -9.29
CA VAL B 241 19.88 16.92 -9.83
C VAL B 241 19.28 18.16 -10.47
N ASN B 242 19.50 19.32 -9.82
CA ASN B 242 18.96 20.58 -10.35
C ASN B 242 19.62 20.96 -11.66
N LYS B 243 20.91 20.70 -11.81
CA LYS B 243 21.53 20.85 -13.12
C LYS B 243 20.99 19.87 -14.16
N ILE B 244 20.78 18.60 -13.80
CA ILE B 244 20.32 17.61 -14.76
C ILE B 244 18.94 17.97 -15.33
N ILE B 245 18.06 18.36 -14.42
CA ILE B 245 16.69 18.75 -14.74
C ILE B 245 16.65 19.88 -15.80
N GLN B 246 17.70 20.70 -15.79
CA GLN B 246 17.85 21.79 -16.75
C GLN B 246 18.04 21.27 -18.15
N SER B 247 18.57 20.05 -18.25
CA SER B 247 19.00 19.54 -19.53
C SER B 247 18.13 18.36 -19.95
N ILE B 248 17.50 17.73 -18.97
CA ILE B 248 16.73 16.52 -19.20
C ILE B 248 15.34 16.67 -18.56
N HIS B 249 14.32 16.38 -19.35
CA HIS B 249 12.93 16.49 -18.98
C HIS B 249 12.41 15.19 -18.29
N PHE B 250 11.89 15.40 -17.09
CA PHE B 250 11.26 14.37 -16.28
C PHE B 250 9.90 14.89 -15.85
N ILE B 251 8.96 13.96 -15.80
CA ILE B 251 7.76 14.14 -15.04
C ILE B 251 7.51 12.81 -14.39
N GLY B 252 7.06 12.86 -13.14
CA GLY B 252 6.92 11.65 -12.38
C GLY B 252 8.17 11.44 -11.57
N THR B 253 8.33 10.22 -11.08
CA THR B 253 9.42 9.88 -10.19
C THR B 253 10.60 9.39 -11.00
N PHE B 254 11.78 9.83 -10.62
CA PHE B 254 13.00 9.43 -11.30
C PHE B 254 14.11 9.39 -10.28
N THR B 255 15.20 8.72 -10.65
CA THR B 255 16.25 8.51 -9.70
C THR B 255 17.59 8.79 -10.34
N VAL B 256 18.45 9.47 -9.60
CA VAL B 256 19.84 9.66 -10.00
C VAL B 256 20.81 8.94 -9.00
N GLU B 257 21.57 7.98 -9.49
CA GLU B 257 22.59 7.30 -8.72
C GLU B 257 23.93 8.01 -8.91
N PHE B 258 24.71 8.06 -7.83
CA PHE B 258 25.99 8.77 -7.75
C PHE B 258 27.06 7.85 -7.18
N PHE B 259 28.32 8.17 -7.46
CA PHE B 259 29.48 7.52 -6.83
C PHE B 259 30.13 8.54 -5.98
N ILE B 260 30.64 8.10 -4.83
CA ILE B 260 31.58 8.91 -4.08
C ILE B 260 32.93 8.18 -4.09
N ASP B 261 33.99 8.86 -4.54
CA ASP B 261 35.30 8.20 -4.58
C ASP B 261 35.97 8.32 -3.22
N SER B 262 37.16 7.75 -3.09
CA SER B 262 37.83 7.69 -1.81
C SER B 262 38.37 9.04 -1.39
N ASN B 263 38.26 10.02 -2.27
CA ASN B 263 38.54 11.42 -1.90
C ASN B 263 37.28 12.26 -1.68
N ASN B 264 36.14 11.58 -1.58
CA ASN B 264 34.84 12.24 -1.32
C ASN B 264 34.32 13.09 -2.44
N GLN B 265 34.77 12.85 -3.66
CA GLN B 265 34.22 13.60 -4.78
C GLN B 265 33.04 12.78 -5.25
N LEU B 266 31.96 13.48 -5.51
CA LEU B 266 30.70 12.96 -6.01
C LEU B 266 30.64 12.97 -7.56
N TYR B 267 30.10 11.92 -8.16
CA TYR B 267 29.99 11.83 -9.60
C TYR B 267 28.61 11.28 -9.94
N VAL B 268 27.96 11.89 -10.90
CA VAL B 268 26.75 11.34 -11.44
C VAL B 268 27.13 10.01 -12.02
N ASN B 269 26.34 8.98 -11.74
CA ASN B 269 26.63 7.65 -12.26
C ASN B 269 25.59 7.23 -13.32
N GLU B 270 24.34 7.12 -12.89
CA GLU B 270 23.27 6.61 -13.74
C GLU B 270 21.98 7.32 -13.42
N ILE B 271 21.12 7.44 -14.43
CA ILE B 271 19.86 8.12 -14.24
C ILE B 271 18.76 7.18 -14.68
N ALA B 272 17.73 7.06 -13.86
CA ALA B 272 16.58 6.22 -14.24
C ALA B 272 15.34 7.11 -14.28
N PRO B 273 14.70 7.18 -15.46
CA PRO B 273 13.62 8.14 -15.66
C PRO B 273 12.25 7.56 -15.34
N ARG B 274 12.14 6.97 -14.13
CA ARG B 274 11.04 6.07 -13.73
C ARG B 274 11.36 5.74 -12.26
N PRO B 275 10.36 5.28 -11.48
CA PRO B 275 10.66 4.73 -10.15
C PRO B 275 11.78 3.68 -10.21
N HIS B 276 12.60 3.62 -9.18
CA HIS B 276 13.85 2.80 -9.18
C HIS B 276 13.90 1.91 -7.93
N ASN B 277 14.57 0.76 -8.08
CA ASN B 277 14.73 -0.24 -7.02
C ASN B 277 15.13 0.36 -5.64
N SER B 278 16.04 1.34 -5.67
CA SER B 278 16.56 1.95 -4.46
C SER B 278 15.53 2.82 -3.74
N GLY B 279 14.36 3.03 -4.34
CA GLY B 279 13.31 3.82 -3.71
C GLY B 279 12.20 3.03 -2.95
N HIS B 280 12.25 1.70 -3.01
CA HIS B 280 11.13 0.91 -2.50
C HIS B 280 10.96 1.08 -1.02
N TYR B 281 12.06 1.38 -0.29
CA TYR B 281 11.96 1.54 1.17
C TYR B 281 10.84 2.55 1.51
N SER B 282 10.60 3.52 0.61
CA SER B 282 9.78 4.66 0.91
C SER B 282 8.31 4.26 1.18
N ILE B 283 7.92 3.10 0.63
CA ILE B 283 6.58 2.61 0.91
C ILE B 283 6.28 2.50 2.42
N GLU B 284 7.21 1.93 3.19
CA GLU B 284 6.98 1.78 4.65
C GLU B 284 7.54 2.96 5.41
N ALA B 285 8.62 3.53 4.90
CA ALA B 285 9.40 4.44 5.74
C ALA B 285 8.94 5.91 5.69
N CYS B 286 8.24 6.30 4.62
CA CYS B 286 7.98 7.71 4.37
C CYS B 286 6.50 7.93 4.40
N ASP B 287 6.10 9.21 4.48
CA ASP B 287 4.69 9.56 4.43
C ASP B 287 4.07 9.44 3.04
N TYR B 288 4.90 9.48 2.00
CA TYR B 288 4.49 9.20 0.62
C TYR B 288 5.51 8.23 0.03
N SER B 289 5.09 7.31 -0.82
CA SER B 289 6.03 6.44 -1.58
C SER B 289 6.36 7.00 -2.95
N GLN B 290 7.49 6.56 -3.49
CA GLN B 290 7.95 6.95 -4.81
C GLN B 290 6.87 6.64 -5.84
N PHE B 291 6.01 5.69 -5.51
CA PHE B 291 4.90 5.29 -6.40
C PHE B 291 3.71 6.19 -6.23
N ASP B 292 3.41 6.56 -4.96
CA ASP B 292 2.32 7.51 -4.73
C ASP B 292 2.59 8.81 -5.50
N THR B 293 3.78 9.36 -5.34
CA THR B 293 4.13 10.63 -5.94
C THR B 293 4.23 10.50 -7.47
N HIS B 294 4.69 9.36 -7.96
CA HIS B 294 4.66 9.14 -9.44
C HIS B 294 3.26 9.38 -10.04
N ILE B 295 2.24 8.82 -9.38
CA ILE B 295 0.87 8.81 -9.92
C ILE B 295 0.30 10.23 -9.82
N LEU B 296 0.60 10.91 -8.73
CA LEU B 296 0.21 12.29 -8.53
C LEU B 296 0.73 13.17 -9.66
N ALA B 297 2.02 13.02 -9.95
CA ALA B 297 2.69 13.83 -10.94
C ALA B 297 2.14 13.56 -12.32
N VAL B 298 2.08 12.28 -12.66
CA VAL B 298 1.69 11.93 -14.03
C VAL B 298 0.22 12.25 -14.34
N THR B 299 -0.60 12.33 -13.29
CA THR B 299 -1.99 12.73 -13.50
C THR B 299 -2.20 14.22 -13.30
N GLY B 300 -1.13 14.98 -13.15
CA GLY B 300 -1.22 16.45 -13.10
C GLY B 300 -1.72 17.03 -11.78
N GLN B 301 -1.53 16.28 -10.71
CA GLN B 301 -1.85 16.69 -9.37
C GLN B 301 -0.69 17.39 -8.68
N SER B 302 -1.03 18.18 -7.70
CA SER B 302 -0.04 18.88 -6.94
C SER B 302 0.78 17.86 -6.09
N LEU B 303 2.09 18.11 -5.90
CA LEU B 303 2.93 17.19 -5.14
C LEU B 303 3.09 17.70 -3.70
N PRO B 304 3.38 16.80 -2.72
CA PRO B 304 3.74 17.34 -1.39
C PRO B 304 5.02 18.19 -1.51
N ASN B 305 5.21 19.15 -0.63
CA ASN B 305 6.38 20.04 -0.73
C ASN B 305 7.63 19.42 -0.22
N SER B 306 7.49 18.41 0.63
CA SER B 306 8.64 17.65 1.09
C SER B 306 8.20 16.23 1.40
N ILE B 307 9.16 15.33 1.45
CA ILE B 307 8.86 14.01 1.92
C ILE B 307 9.50 13.82 3.27
N GLU B 308 8.75 13.23 4.18
CA GLU B 308 9.23 13.01 5.54
C GLU B 308 9.57 11.52 5.69
N LEU B 309 10.77 11.26 6.18
CA LEU B 309 11.22 9.95 6.64
C LEU B 309 10.61 9.73 8.04
N LEU B 310 9.56 8.94 8.09
CA LEU B 310 8.86 8.65 9.34
C LEU B 310 9.68 7.73 10.26
N LYS B 311 10.53 6.89 9.65
CA LYS B 311 11.41 6.05 10.44
C LYS B 311 12.50 5.48 9.53
N PRO B 312 13.76 5.38 10.01
CA PRO B 312 14.86 4.85 9.20
C PRO B 312 14.61 3.43 8.74
N ALA B 313 15.34 3.01 7.71
CA ALA B 313 15.04 1.75 7.08
C ALA B 313 16.24 1.11 6.47
N VAL B 314 16.28 -0.22 6.49
CA VAL B 314 17.26 -0.98 5.74
C VAL B 314 16.47 -1.87 4.81
N ASN B 317 17.08 -6.45 -1.24
CA ASN B 317 16.49 -7.19 -2.34
C ASN B 317 16.40 -8.66 -1.98
N LEU B 318 15.39 -9.37 -2.50
CA LEU B 318 15.35 -10.81 -2.39
C LEU B 318 15.47 -11.43 -3.77
N LEU B 319 16.66 -11.92 -4.12
CA LEU B 319 16.80 -12.60 -5.40
C LEU B 319 16.34 -14.04 -5.17
N GLY B 320 16.39 -14.87 -6.20
CA GLY B 320 15.96 -16.26 -6.08
C GLY B 320 16.77 -16.97 -5.02
N LYS B 321 18.09 -16.71 -5.01
CA LYS B 321 19.00 -17.42 -4.11
C LYS B 321 18.76 -16.95 -2.67
N ASP B 322 18.22 -15.75 -2.52
CA ASP B 322 17.89 -15.28 -1.17
C ASP B 322 16.59 -15.94 -0.65
N LEU B 323 15.64 -16.24 -1.54
CA LEU B 323 14.45 -16.91 -1.17
C LEU B 323 14.83 -18.33 -0.77
N ASP B 324 15.61 -18.99 -1.63
CA ASP B 324 16.17 -20.29 -1.35
C ASP B 324 16.71 -20.35 0.09
N LEU B 325 17.41 -19.31 0.49
CA LEU B 325 18.02 -19.30 1.80
C LEU B 325 17.06 -19.01 2.96
N LEU B 326 16.20 -18.02 2.78
CA LEU B 326 15.49 -17.41 3.90
C LEU B 326 13.97 -17.66 3.97
N GLU B 327 13.38 -18.17 2.89
CA GLU B 327 11.91 -18.17 2.80
C GLU B 327 11.25 -18.86 3.99
N ASN B 328 11.89 -19.89 4.52
CA ASN B 328 11.33 -20.63 5.69
C ASN B 328 11.34 -19.87 7.01
N GLU B 329 12.22 -18.87 7.13
CA GLU B 329 12.23 -17.91 8.26
C GLU B 329 11.18 -16.78 8.18
N PHE B 330 10.64 -16.50 6.99
CA PHE B 330 9.75 -15.34 6.80
C PHE B 330 8.62 -15.24 7.85
N ASN B 331 7.96 -16.36 8.13
CA ASN B 331 6.83 -16.35 9.04
C ASN B 331 7.12 -15.79 10.44
N GLU B 332 8.36 -15.91 10.89
CA GLU B 332 8.79 -15.48 12.22
C GLU B 332 9.14 -14.00 12.24
N HIS B 333 9.15 -13.35 11.09
CA HIS B 333 9.66 -12.00 11.00
C HIS B 333 8.69 -10.99 10.35
N PRO B 334 7.63 -10.62 11.08
CA PRO B 334 6.74 -9.61 10.53
C PRO B 334 7.41 -8.24 10.34
N GLU B 335 8.52 -8.04 11.03
CA GLU B 335 9.24 -6.79 11.03
C GLU B 335 10.16 -6.69 9.78
N TRP B 336 10.22 -7.71 8.98
CA TRP B 336 10.82 -7.62 7.72
C TRP B 336 9.89 -6.97 6.63
N HIS B 337 8.59 -6.91 6.80
CA HIS B 337 7.71 -6.29 5.84
C HIS B 337 7.93 -6.82 4.42
N LEU B 338 7.68 -8.09 4.22
CA LEU B 338 7.98 -8.77 2.99
C LEU B 338 7.12 -8.37 1.76
N HIS B 339 7.79 -8.08 0.69
CA HIS B 339 7.19 -7.87 -0.60
C HIS B 339 7.58 -9.02 -1.49
N ILE B 340 6.62 -9.79 -1.96
CA ILE B 340 6.88 -10.88 -2.85
C ILE B 340 6.14 -10.63 -4.15
N TYR B 341 6.86 -10.55 -5.27
CA TYR B 341 6.32 -9.97 -6.49
C TYR B 341 5.28 -10.81 -7.14
N GLY B 342 5.43 -12.13 -7.08
CA GLY B 342 4.43 -13.04 -7.66
C GLY B 342 4.94 -13.73 -8.92
N LYS B 343 6.23 -13.67 -9.18
CA LYS B 343 6.81 -14.30 -10.37
C LYS B 343 6.86 -15.81 -10.19
N SER B 344 6.26 -16.54 -11.14
CA SER B 344 6.19 -18.02 -11.07
C SER B 344 7.55 -18.69 -11.17
N GLU B 345 8.42 -18.12 -12.00
CA GLU B 345 9.69 -18.75 -12.28
C GLU B 345 10.87 -18.19 -11.47
N ARG B 346 11.28 -18.92 -10.44
CA ARG B 346 12.44 -18.52 -9.61
C ARG B 346 13.77 -18.85 -10.28
N LYS B 347 14.67 -17.85 -10.33
CA LYS B 347 16.05 -17.99 -10.82
C LYS B 347 16.94 -17.36 -9.76
N ASP B 348 18.14 -17.89 -9.57
CA ASP B 348 19.01 -17.47 -8.46
C ASP B 348 19.25 -15.99 -8.43
N SER B 349 19.49 -15.40 -9.59
CA SER B 349 19.81 -13.97 -9.69
C SER B 349 18.58 -13.09 -10.09
N ARG B 350 17.41 -13.70 -10.20
CA ARG B 350 16.24 -12.89 -10.58
C ARG B 350 15.61 -12.14 -9.34
N LYS B 351 15.20 -10.85 -9.52
CA LYS B 351 14.55 -10.12 -8.45
C LYS B 351 13.14 -10.66 -8.17
N GLY B 353 11.44 -10.21 -4.94
CA GLY B 353 10.76 -9.48 -3.90
C GLY B 353 11.75 -8.56 -3.23
N HIS B 354 11.31 -7.89 -2.16
CA HIS B 354 12.29 -7.21 -1.29
C HIS B 354 11.71 -7.17 0.08
N THR B 356 11.67 -4.63 3.66
CA THR B 356 12.00 -3.34 4.21
C THR B 356 11.88 -3.38 5.71
N VAL B 357 13.02 -3.19 6.41
CA VAL B 357 13.03 -3.27 7.84
C VAL B 357 13.14 -1.87 8.39
N LEU B 358 12.12 -1.40 9.09
CA LEU B 358 12.17 -0.13 9.76
C LEU B 358 12.99 -0.37 11.03
N THR B 359 13.86 0.56 11.38
CA THR B 359 14.70 0.40 12.55
C THR B 359 15.05 1.76 13.11
N ASN B 360 15.32 1.81 14.42
CA ASN B 360 15.86 2.98 15.04
C ASN B 360 17.36 2.83 15.24
N ASP B 361 17.92 1.77 14.68
CA ASP B 361 19.37 1.55 14.76
C ASP B 361 19.90 0.92 13.46
N VAL B 362 20.10 1.78 12.46
CA VAL B 362 20.49 1.35 11.13
C VAL B 362 21.75 0.47 11.19
N ASN B 363 22.77 0.93 11.90
CA ASN B 363 24.01 0.16 11.94
C ASN B 363 23.86 -1.23 12.57
N GLN B 364 23.07 -1.32 13.64
CA GLN B 364 22.85 -2.67 14.21
C GLN B 364 22.09 -3.51 13.18
N THR B 365 21.06 -2.91 12.57
CA THR B 365 20.24 -3.67 11.61
C THR B 365 21.05 -4.14 10.39
N GLU B 366 21.97 -3.31 9.94
CA GLU B 366 22.87 -3.68 8.82
C GLU B 366 23.72 -4.91 9.16
N GLN B 367 24.26 -4.95 10.37
CA GLN B 367 24.99 -6.14 10.82
C GLN B 367 24.09 -7.37 10.83
N ASP B 368 22.88 -7.20 11.34
CA ASP B 368 21.90 -8.29 11.36
C ASP B 368 21.66 -8.82 9.97
N TYR B 370 23.64 -8.44 7.12
CA TYR B 370 24.83 -9.12 6.60
C TYR B 370 24.84 -10.60 7.04
N ALA B 371 24.62 -10.84 8.34
CA ALA B 371 24.65 -12.23 8.86
C ALA B 371 23.50 -13.06 8.29
N LYS B 372 22.29 -12.50 8.18
CA LYS B 372 21.17 -13.27 7.59
C LYS B 372 21.43 -13.65 6.14
N PHE B 373 22.08 -12.78 5.37
CA PHE B 373 22.23 -12.97 3.91
C PHE B 373 23.50 -13.76 3.59
N GLU B 374 24.38 -13.92 4.59
CA GLU B 374 25.67 -14.57 4.34
C GLU B 374 25.56 -15.98 3.75
N GLY B 375 24.51 -16.73 4.09
CA GLY B 375 24.37 -18.12 3.63
C GLY B 375 24.43 -18.41 2.12
#